data_6OE8
#
_entry.id   6OE8
#
_cell.length_a   133.932
_cell.length_b   149.105
_cell.length_c   84.956
_cell.angle_alpha   90.00
_cell.angle_beta   118.57
_cell.angle_gamma   90.00
#
_symmetry.space_group_name_H-M   'C 1 2 1'
#
loop_
_entity.id
_entity.type
_entity.pdbx_description
1 polymer Uricase
2 non-polymer 'TETRAETHYLENE GLYCOL'
3 non-polymer 'TRIETHYLENE GLYCOL'
4 non-polymer 'MALONATE ION'
5 water water
#
_entity_poly.entity_id   1
_entity_poly.type   'polypeptide(L)'
_entity_poly.pdbx_seq_one_letter_code
;MASMTGGQQMGRGSEFMHHHHHHHHTATAETSTGTCVVLGQNQYGKAEVRLVKVTRNTARHEIQDLNVTSQLRGDFEAAH
TAGDNAHVVATDTQKNTVYAFARDGFATTEEFLLRLGKHFTEGFDWVTGGRWAAQQFFWDRINDHDHAFSRNKSEVRTAV
LEISGSEQAIVAGIEGLTVLKSTGSEFHGFPRDKYTTLQETTDRILATDVSARWRYNTVEVDFDAVYASVRGLLLKAFAE
THSLALQQTMYEMGRAVIETHPEIDEIKMSLPNKHHFLVDLQPFGQDNPNEVFYAADRPYGLIEATIQRCGSRADHPIWS
NIAGFC
;
_entity_poly.pdbx_strand_id   A,B,C,D
#
# COMPACT_ATOMS: atom_id res chain seq x y z
N THR A 35 -8.72 41.18 -8.33
CA THR A 35 -9.46 39.95 -8.15
C THR A 35 -9.93 39.81 -6.70
N CYS A 36 -11.19 39.46 -6.50
CA CYS A 36 -11.75 39.30 -5.16
C CYS A 36 -11.79 37.83 -4.82
N VAL A 37 -11.22 37.48 -3.66
CA VAL A 37 -11.08 36.11 -3.18
C VAL A 37 -11.78 35.98 -1.84
N VAL A 38 -12.43 34.84 -1.61
CA VAL A 38 -13.16 34.60 -0.36
C VAL A 38 -12.93 33.16 0.08
N LEU A 39 -12.86 32.96 1.40
CA LEU A 39 -12.73 31.65 2.02
C LEU A 39 -14.07 30.91 2.00
N GLY A 40 -14.09 29.73 1.42
CA GLY A 40 -15.29 28.90 1.38
C GLY A 40 -15.28 27.82 2.44
N GLN A 41 -15.79 26.64 2.07
CA GLN A 41 -15.87 25.52 3.00
C GLN A 41 -14.47 25.18 3.50
N ASN A 42 -14.32 25.03 4.82
CA ASN A 42 -13.02 24.69 5.40
C ASN A 42 -13.20 23.90 6.69
N GLN A 43 -12.18 23.13 7.05
CA GLN A 43 -12.19 22.34 8.28
C GLN A 43 -10.76 21.95 8.59
N TYR A 44 -10.45 21.74 9.86
CA TYR A 44 -9.05 21.39 10.14
C TYR A 44 -8.94 20.61 11.44
N GLY A 45 -7.86 19.84 11.56
CA GLY A 45 -7.64 19.16 12.82
C GLY A 45 -6.52 18.14 12.72
N LYS A 46 -6.64 17.09 13.53
CA LYS A 46 -5.63 16.05 13.59
C LYS A 46 -6.22 14.75 13.07
N ALA A 47 -5.56 14.14 12.09
CA ALA A 47 -6.03 12.91 11.48
C ALA A 47 -5.20 11.71 11.93
N GLU A 48 -5.88 10.56 11.97
CA GLU A 48 -5.26 9.25 12.21
C GLU A 48 -4.47 9.17 13.52
N VAL A 49 -5.12 9.60 14.61
CA VAL A 49 -4.65 9.41 15.97
C VAL A 49 -4.90 7.96 16.37
N ARG A 50 -3.82 7.17 16.50
CA ARG A 50 -3.94 5.76 16.82
C ARG A 50 -4.06 5.58 18.33
N LEU A 51 -5.18 5.02 18.77
CA LEU A 51 -5.53 4.86 20.17
C LEU A 51 -5.78 3.40 20.47
N VAL A 52 -5.19 2.89 21.54
CA VAL A 52 -5.55 1.58 22.08
C VAL A 52 -5.91 1.77 23.54
N LYS A 53 -7.13 1.38 23.90
CA LYS A 53 -7.65 1.48 25.26
C LYS A 53 -7.78 0.07 25.80
N VAL A 54 -7.00 -0.23 26.84
CA VAL A 54 -7.07 -1.51 27.54
C VAL A 54 -7.98 -1.36 28.73
N THR A 55 -8.98 -2.24 28.84
CA THR A 55 -9.85 -2.30 30.00
C THR A 55 -9.38 -3.50 30.83
N ARG A 56 -8.83 -3.20 32.01
CA ARG A 56 -8.26 -4.22 32.89
C ARG A 56 -8.77 -4.10 34.33
N ASN A 57 -10.05 -3.73 34.50
CA ASN A 57 -10.65 -3.70 35.83
C ASN A 57 -10.67 -5.08 36.46
N THR A 58 -10.70 -6.13 35.64
CA THR A 58 -10.62 -7.52 36.08
C THR A 58 -9.47 -8.20 35.35
N ALA A 59 -9.29 -9.48 35.65
CA ALA A 59 -8.20 -10.22 35.00
C ALA A 59 -8.44 -10.41 33.52
N ARG A 60 -9.70 -10.42 33.09
CA ARG A 60 -10.04 -10.59 31.67
C ARG A 60 -9.98 -9.21 31.00
N HIS A 61 -8.91 -8.97 30.26
CA HIS A 61 -8.73 -7.67 29.62
C HIS A 61 -9.60 -7.53 28.37
N GLU A 62 -9.94 -6.28 28.05
CA GLU A 62 -10.61 -5.93 26.81
C GLU A 62 -9.72 -4.96 26.05
N ILE A 63 -9.82 -4.99 24.71
CA ILE A 63 -9.06 -4.11 23.84
C ILE A 63 -10.02 -3.33 22.97
N GLN A 64 -9.83 -2.01 22.93
CA GLN A 64 -10.53 -1.14 21.99
C GLN A 64 -9.47 -0.43 21.17
N ASP A 65 -9.50 -0.63 19.86
CA ASP A 65 -8.40 -0.21 18.99
C ASP A 65 -8.96 0.68 17.90
N LEU A 66 -8.60 1.97 17.93
CA LEU A 66 -9.22 2.98 17.10
C LEU A 66 -8.18 3.80 16.35
N ASN A 67 -8.61 4.30 15.19
CA ASN A 67 -7.88 5.27 14.38
C ASN A 67 -8.80 6.48 14.23
N VAL A 68 -8.50 7.57 14.96
CA VAL A 68 -9.44 8.67 15.22
C VAL A 68 -9.00 9.93 14.46
N THR A 69 -9.95 10.61 13.83
CA THR A 69 -9.69 11.87 13.15
C THR A 69 -10.65 12.92 13.69
N SER A 70 -10.10 14.07 14.10
CA SER A 70 -10.88 15.17 14.66
C SER A 70 -10.68 16.42 13.80
N GLN A 71 -11.77 16.98 13.28
CA GLN A 71 -11.70 18.19 12.49
C GLN A 71 -12.79 19.16 12.95
N LEU A 72 -12.44 20.43 13.06
CA LEU A 72 -13.34 21.49 13.54
C LEU A 72 -13.78 22.38 12.38
N ARG A 73 -14.99 22.93 12.54
CA ARG A 73 -15.61 23.87 11.62
C ARG A 73 -16.18 25.04 12.41
N GLY A 74 -16.12 26.22 11.80
CA GLY A 74 -16.57 27.44 12.45
C GLY A 74 -15.92 28.65 11.79
N ASP A 75 -15.64 29.66 12.63
CA ASP A 75 -15.05 30.93 12.22
C ASP A 75 -13.54 30.84 12.24
N PHE A 76 -12.93 30.49 11.10
CA PHE A 76 -11.48 30.46 11.00
C PHE A 76 -10.99 31.39 9.89
N GLU A 77 -11.74 32.46 9.67
CA GLU A 77 -11.43 33.43 8.62
C GLU A 77 -10.03 34.03 8.80
N ALA A 78 -9.75 34.54 10.01
CA ALA A 78 -8.51 35.27 10.22
C ALA A 78 -7.29 34.36 10.20
N ALA A 79 -7.45 33.10 10.62
CA ALA A 79 -6.34 32.15 10.49
C ALA A 79 -5.88 32.03 9.05
N HIS A 80 -6.82 31.97 8.12
CA HIS A 80 -6.47 31.84 6.70
C HIS A 80 -5.99 33.17 6.12
N THR A 81 -6.70 34.27 6.40
CA THR A 81 -6.42 35.51 5.69
C THR A 81 -5.29 36.33 6.33
N ALA A 82 -5.02 36.15 7.62
CA ALA A 82 -3.98 36.91 8.30
C ALA A 82 -2.99 36.05 9.07
N GLY A 83 -3.18 34.74 9.17
CA GLY A 83 -2.32 33.93 10.01
C GLY A 83 -2.53 34.15 11.48
N ASP A 84 -3.68 34.70 11.86
CA ASP A 84 -4.06 34.89 13.26
C ASP A 84 -4.57 33.58 13.84
N ASN A 85 -3.86 33.05 14.84
CA ASN A 85 -4.17 31.75 15.40
C ASN A 85 -5.01 31.82 16.67
N ALA A 86 -5.61 32.97 16.98
CA ALA A 86 -6.42 33.10 18.18
C ALA A 86 -7.58 32.10 18.21
N HIS A 87 -8.12 31.73 17.05
CA HIS A 87 -9.21 30.76 17.00
C HIS A 87 -8.75 29.33 16.77
N VAL A 88 -7.46 29.09 16.55
CA VAL A 88 -6.98 27.81 16.04
C VAL A 88 -6.67 26.95 17.26
N VAL A 89 -7.66 26.19 17.71
CA VAL A 89 -7.38 25.12 18.66
C VAL A 89 -6.38 24.17 18.01
N ALA A 90 -5.22 24.00 18.64
CA ALA A 90 -4.12 23.30 17.98
C ALA A 90 -4.49 21.86 17.68
N THR A 91 -4.02 21.36 16.52
CA THR A 91 -4.24 19.95 16.21
C THR A 91 -3.60 19.05 17.28
N ASP A 92 -2.45 19.48 17.82
CA ASP A 92 -1.83 18.78 18.93
C ASP A 92 -2.78 18.73 20.14
N THR A 93 -3.50 19.83 20.40
CA THR A 93 -4.46 19.83 21.49
C THR A 93 -5.62 18.87 21.23
N GLN A 94 -6.07 18.79 19.97
CA GLN A 94 -7.14 17.85 19.62
C GLN A 94 -6.69 16.40 19.89
N LYS A 95 -5.46 16.07 19.49
CA LYS A 95 -4.87 14.76 19.78
C LYS A 95 -4.83 14.48 21.28
N ASN A 96 -4.32 15.46 22.05
CA ASN A 96 -4.24 15.27 23.49
C ASN A 96 -5.62 15.01 24.06
N THR A 97 -6.63 15.69 23.52
CA THR A 97 -7.98 15.51 24.04
C THR A 97 -8.45 14.09 23.79
N VAL A 98 -8.09 13.53 22.62
CA VAL A 98 -8.46 12.14 22.35
C VAL A 98 -7.93 11.22 23.44
N TYR A 99 -6.63 11.33 23.76
CA TYR A 99 -6.09 10.38 24.74
C TYR A 99 -6.62 10.64 26.16
N ALA A 100 -6.76 11.92 26.53
CA ALA A 100 -7.27 12.25 27.86
C ALA A 100 -8.68 11.73 28.05
N PHE A 101 -9.55 11.93 27.06
CA PHE A 101 -10.90 11.40 27.12
C PHE A 101 -10.90 9.87 27.15
N ALA A 102 -9.96 9.25 26.44
CA ALA A 102 -9.91 7.79 26.44
C ALA A 102 -9.65 7.23 27.84
N ARG A 103 -8.93 7.98 28.68
CA ARG A 103 -8.69 7.50 30.05
C ARG A 103 -9.98 7.10 30.78
N ASP A 104 -11.07 7.86 30.57
CA ASP A 104 -12.34 7.60 31.23
C ASP A 104 -13.07 6.36 30.70
N GLY A 105 -12.64 5.81 29.58
CA GLY A 105 -13.36 4.72 28.96
C GLY A 105 -14.50 5.23 28.08
N PHE A 106 -15.00 4.31 27.24
CA PHE A 106 -16.10 4.62 26.35
C PHE A 106 -16.77 3.32 25.94
N ALA A 107 -18.11 3.34 25.92
CA ALA A 107 -18.85 2.10 25.69
C ALA A 107 -18.78 1.68 24.23
N THR A 108 -18.83 2.64 23.31
CA THR A 108 -18.79 2.35 21.89
C THR A 108 -17.97 3.42 21.20
N THR A 109 -17.57 3.13 19.96
CA THR A 109 -16.82 4.10 19.16
C THR A 109 -17.65 5.36 18.90
N GLU A 110 -18.92 5.18 18.53
CA GLU A 110 -19.80 6.32 18.28
C GLU A 110 -19.91 7.21 19.52
N GLU A 111 -20.09 6.62 20.69
CA GLU A 111 -20.23 7.43 21.90
C GLU A 111 -18.94 8.18 22.24
N PHE A 112 -17.78 7.60 21.94
CA PHE A 112 -16.52 8.32 22.14
C PHE A 112 -16.46 9.52 21.20
N LEU A 113 -16.87 9.33 19.95
CA LEU A 113 -16.85 10.45 19.01
C LEU A 113 -17.85 11.53 19.42
N LEU A 114 -19.00 11.12 19.95
CA LEU A 114 -20.01 12.09 20.41
C LEU A 114 -19.46 12.93 21.55
N ARG A 115 -18.74 12.30 22.48
CA ARG A 115 -18.16 13.07 23.57
C ARG A 115 -17.13 14.07 23.04
N LEU A 116 -16.28 13.66 22.10
CA LEU A 116 -15.29 14.57 21.54
C LEU A 116 -15.95 15.76 20.83
N GLY A 117 -16.96 15.49 20.00
CA GLY A 117 -17.60 16.55 19.25
C GLY A 117 -18.35 17.53 20.14
N LYS A 118 -19.07 17.02 21.14
CA LYS A 118 -19.73 17.91 22.09
C LYS A 118 -18.71 18.77 22.83
N HIS A 119 -17.57 18.17 23.23
CA HIS A 119 -16.52 18.94 23.88
C HIS A 119 -16.09 20.12 23.03
N PHE A 120 -15.80 19.88 21.76
CA PHE A 120 -15.21 20.98 21.00
C PHE A 120 -16.24 22.03 20.62
N THR A 121 -17.46 21.61 20.29
CA THR A 121 -18.47 22.57 19.89
C THR A 121 -18.96 23.40 21.08
N GLU A 122 -19.06 22.81 22.27
CA GLU A 122 -19.49 23.57 23.43
C GLU A 122 -18.37 24.35 24.10
N GLY A 123 -17.11 23.93 23.92
CA GLY A 123 -16.01 24.56 24.62
C GLY A 123 -15.40 25.77 23.96
N PHE A 124 -15.78 26.07 22.71
CA PHE A 124 -15.18 27.17 21.97
C PHE A 124 -16.27 27.90 21.20
N ASP A 125 -16.40 29.20 21.46
CA ASP A 125 -17.53 29.97 20.95
C ASP A 125 -17.53 30.02 19.43
N TRP A 126 -16.36 30.11 18.82
CA TRP A 126 -16.26 30.20 17.36
C TRP A 126 -16.30 28.85 16.66
N VAL A 127 -16.28 27.75 17.40
CA VAL A 127 -16.41 26.42 16.82
C VAL A 127 -17.90 26.08 16.78
N THR A 128 -18.45 25.95 15.58
CA THR A 128 -19.88 25.72 15.45
C THR A 128 -20.19 24.30 15.03
N GLY A 129 -19.19 23.51 14.67
CA GLY A 129 -19.45 22.14 14.34
C GLY A 129 -18.17 21.41 14.01
N GLY A 130 -18.30 20.29 13.33
CA GLY A 130 -17.12 19.58 12.89
C GLY A 130 -17.42 18.17 12.45
N ARG A 131 -16.33 17.43 12.22
CA ARG A 131 -16.37 16.08 11.70
C ARG A 131 -15.36 15.23 12.47
N TRP A 132 -15.84 14.20 13.13
CA TRP A 132 -15.01 13.31 13.95
C TRP A 132 -15.27 11.90 13.47
N ALA A 133 -14.21 11.19 13.11
CA ALA A 133 -14.38 9.88 12.50
C ALA A 133 -13.41 8.88 13.10
N ALA A 134 -13.78 7.60 13.01
CA ALA A 134 -12.86 6.59 13.50
C ALA A 134 -13.03 5.30 12.73
N GLN A 135 -11.93 4.56 12.71
CA GLN A 135 -11.87 3.20 12.24
C GLN A 135 -11.68 2.38 13.50
N GLN A 136 -12.48 1.32 13.67
CA GLN A 136 -12.33 0.39 14.77
C GLN A 136 -11.80 -0.94 14.23
N PHE A 137 -10.70 -1.40 14.82
CA PHE A 137 -10.04 -2.65 14.44
C PHE A 137 -10.35 -3.72 15.47
N PHE A 138 -10.82 -4.87 15.01
CA PHE A 138 -11.27 -5.94 15.89
C PHE A 138 -10.14 -6.90 16.28
N TRP A 139 -10.20 -7.37 17.54
CA TRP A 139 -9.28 -8.34 18.08
C TRP A 139 -10.08 -9.54 18.60
N ASP A 140 -9.59 -10.74 18.31
CA ASP A 140 -10.12 -11.97 18.85
C ASP A 140 -9.20 -12.41 19.97
N ARG A 141 -9.75 -13.10 20.98
CA ARG A 141 -8.86 -13.73 21.94
C ARG A 141 -8.14 -14.91 21.32
N ILE A 142 -6.91 -15.16 21.76
CA ILE A 142 -6.22 -16.39 21.43
C ILE A 142 -6.69 -17.45 22.43
N ASN A 143 -7.47 -18.41 21.96
CA ASN A 143 -7.99 -19.49 22.81
C ASN A 143 -8.66 -18.96 24.08
N ASP A 144 -9.38 -17.84 23.93
CA ASP A 144 -10.11 -17.18 25.03
C ASP A 144 -9.20 -16.76 26.20
N HIS A 145 -7.91 -16.53 25.95
CA HIS A 145 -7.03 -16.01 26.99
C HIS A 145 -7.48 -14.63 27.48
N ASP A 146 -7.15 -14.35 28.74
CA ASP A 146 -7.53 -13.09 29.37
C ASP A 146 -6.84 -11.89 28.75
N HIS A 147 -5.54 -12.00 28.45
CA HIS A 147 -4.81 -10.85 27.95
C HIS A 147 -3.97 -11.13 26.70
N ALA A 148 -4.32 -12.16 25.91
CA ALA A 148 -3.62 -12.45 24.67
C ALA A 148 -4.63 -12.45 23.52
N PHE A 149 -4.32 -11.68 22.46
CA PHE A 149 -5.25 -11.49 21.36
C PHE A 149 -4.53 -11.59 20.00
N SER A 150 -5.33 -11.81 18.95
CA SER A 150 -4.91 -11.81 17.55
C SER A 150 -5.86 -10.93 16.75
N ARG A 151 -5.32 -10.21 15.77
CA ARG A 151 -6.13 -9.27 15.00
C ARG A 151 -7.11 -10.01 14.08
N ASN A 152 -8.37 -9.60 14.11
CA ASN A 152 -9.36 -9.97 13.10
C ASN A 152 -9.27 -8.93 11.99
N LYS A 153 -8.64 -9.29 10.88
CA LYS A 153 -8.42 -8.36 9.78
C LYS A 153 -9.50 -8.44 8.71
N SER A 154 -10.52 -9.26 8.92
CA SER A 154 -11.47 -9.59 7.86
C SER A 154 -12.51 -8.51 7.62
N GLU A 155 -12.59 -7.50 8.48
CA GLU A 155 -13.46 -6.35 8.29
C GLU A 155 -12.93 -5.23 9.17
N VAL A 156 -13.26 -4.00 8.78
CA VAL A 156 -12.94 -2.82 9.59
C VAL A 156 -14.24 -2.04 9.80
N ARG A 157 -14.51 -1.66 11.04
CA ARG A 157 -15.72 -0.89 11.36
C ARG A 157 -15.41 0.59 11.30
N THR A 158 -16.37 1.40 10.86
CA THR A 158 -16.15 2.83 10.74
C THR A 158 -17.28 3.59 11.43
N ALA A 159 -16.98 4.82 11.83
CA ALA A 159 -17.98 5.73 12.35
C ALA A 159 -17.60 7.16 11.97
N VAL A 160 -18.58 7.93 11.49
CA VAL A 160 -18.38 9.33 11.16
C VAL A 160 -19.48 10.14 11.84
N LEU A 161 -19.09 11.14 12.62
CA LEU A 161 -20.02 12.01 13.32
C LEU A 161 -19.82 13.43 12.79
N GLU A 162 -20.91 14.08 12.39
CA GLU A 162 -20.84 15.47 12.00
C GLU A 162 -21.80 16.27 12.86
N ILE A 163 -21.29 17.34 13.46
CA ILE A 163 -22.12 18.24 14.26
C ILE A 163 -22.27 19.54 13.50
N SER A 164 -23.52 19.98 13.36
CA SER A 164 -23.87 21.23 12.69
C SER A 164 -24.83 21.94 13.63
N GLY A 165 -24.30 22.88 14.41
CA GLY A 165 -25.09 23.51 15.46
C GLY A 165 -25.56 22.47 16.44
N SER A 166 -26.89 22.35 16.57
CA SER A 166 -27.47 21.40 17.52
C SER A 166 -27.71 20.04 16.89
N GLU A 167 -27.53 19.89 15.58
CA GLU A 167 -27.74 18.60 14.95
C GLU A 167 -26.49 17.75 15.04
N GLN A 168 -26.67 16.48 15.39
CA GLN A 168 -25.63 15.48 15.49
C GLN A 168 -26.03 14.37 14.54
N ALA A 169 -25.14 14.01 13.62
CA ALA A 169 -25.49 13.02 12.61
C ALA A 169 -24.39 11.96 12.59
N ILE A 170 -24.78 10.70 12.74
CA ILE A 170 -23.84 9.59 12.85
C ILE A 170 -24.06 8.64 11.67
N VAL A 171 -22.98 8.29 11.00
CA VAL A 171 -22.95 7.32 9.93
C VAL A 171 -22.01 6.21 10.35
N ALA A 172 -22.53 5.00 10.54
CA ALA A 172 -21.68 3.87 10.85
C ALA A 172 -21.44 3.05 9.59
N GLY A 173 -20.40 2.22 9.61
CA GLY A 173 -20.15 1.46 8.39
C GLY A 173 -19.23 0.29 8.58
N ILE A 174 -19.10 -0.49 7.52
CA ILE A 174 -18.18 -1.61 7.43
C ILE A 174 -17.41 -1.50 6.12
N GLU A 175 -16.14 -1.88 6.14
CA GLU A 175 -15.34 -1.85 4.92
C GLU A 175 -14.35 -3.00 4.96
N GLY A 176 -13.87 -3.38 3.77
CA GLY A 176 -12.85 -4.42 3.70
C GLY A 176 -13.36 -5.83 3.92
N LEU A 177 -14.67 -6.05 3.84
CA LEU A 177 -15.25 -7.38 4.02
C LEU A 177 -15.44 -8.01 2.64
N THR A 178 -14.59 -8.97 2.29
CA THR A 178 -14.60 -9.53 0.95
C THR A 178 -15.47 -10.78 0.94
N VAL A 179 -16.37 -10.84 -0.04
CA VAL A 179 -17.32 -11.94 -0.15
C VAL A 179 -17.34 -12.45 -1.58
N LEU A 180 -17.80 -13.70 -1.73
CA LEU A 180 -17.75 -14.38 -3.02
C LEU A 180 -18.80 -15.46 -3.06
N LYS A 181 -19.54 -15.51 -4.17
CA LYS A 181 -20.40 -16.63 -4.52
C LYS A 181 -19.80 -17.32 -5.73
N SER A 182 -19.68 -18.63 -5.65
CA SER A 182 -19.08 -19.41 -6.72
C SER A 182 -20.10 -19.83 -7.77
N THR A 183 -21.39 -19.67 -7.48
CA THR A 183 -22.45 -19.81 -8.47
C THR A 183 -23.67 -19.08 -7.91
N GLY A 184 -24.78 -19.13 -8.64
CA GLY A 184 -25.95 -18.37 -8.24
C GLY A 184 -25.87 -16.90 -8.61
N SER A 185 -25.21 -16.59 -9.72
CA SER A 185 -25.07 -15.24 -10.25
C SER A 185 -25.19 -15.30 -11.76
N GLU A 186 -25.99 -14.40 -12.34
CA GLU A 186 -26.20 -14.34 -13.78
C GLU A 186 -26.09 -12.90 -14.25
N PHE A 187 -25.77 -12.71 -15.54
CA PHE A 187 -25.81 -11.38 -16.13
C PHE A 187 -26.13 -11.52 -17.62
N HIS A 188 -27.35 -11.13 -17.99
CA HIS A 188 -27.83 -11.27 -19.35
C HIS A 188 -28.95 -10.27 -19.55
N GLY A 189 -29.34 -10.07 -20.80
CA GLY A 189 -30.40 -9.13 -21.12
C GLY A 189 -29.96 -7.67 -21.16
N PHE A 190 -28.67 -7.41 -21.15
CA PHE A 190 -28.16 -6.05 -21.25
C PHE A 190 -28.07 -5.59 -22.70
N PRO A 191 -28.20 -4.29 -22.95
CA PRO A 191 -28.23 -3.79 -24.32
C PRO A 191 -26.84 -3.86 -24.93
N ARG A 192 -26.80 -3.93 -26.26
CA ARG A 192 -25.55 -4.09 -26.98
C ARG A 192 -25.40 -2.99 -28.03
N ASP A 193 -24.33 -2.21 -27.93
CA ASP A 193 -23.99 -1.24 -28.95
C ASP A 193 -22.75 -1.76 -29.69
N LYS A 194 -22.19 -0.93 -30.59
CA LYS A 194 -21.06 -1.37 -31.40
C LYS A 194 -19.81 -1.64 -30.58
N TYR A 195 -19.74 -1.17 -29.33
CA TYR A 195 -18.60 -1.42 -28.46
C TYR A 195 -18.87 -2.53 -27.45
N THR A 196 -19.93 -3.30 -27.62
CA THR A 196 -20.29 -4.35 -26.68
C THR A 196 -19.82 -5.71 -27.20
N THR A 197 -18.96 -6.36 -26.43
CA THR A 197 -18.51 -7.71 -26.73
C THR A 197 -18.81 -8.71 -25.61
N LEU A 198 -19.29 -8.25 -24.46
CA LEU A 198 -19.46 -9.10 -23.28
C LEU A 198 -20.45 -10.23 -23.54
N GLN A 199 -20.04 -11.44 -23.14
CA GLN A 199 -20.87 -12.62 -23.30
C GLN A 199 -21.92 -12.68 -22.20
N GLU A 200 -23.14 -13.07 -22.57
CA GLU A 200 -24.15 -13.34 -21.54
C GLU A 200 -23.82 -14.63 -20.79
N THR A 201 -24.29 -14.70 -19.54
CA THR A 201 -24.04 -15.90 -18.76
C THR A 201 -25.15 -16.11 -17.72
N THR A 202 -25.38 -17.38 -17.40
CA THR A 202 -26.29 -17.77 -16.32
C THR A 202 -25.55 -18.36 -15.13
N ASP A 203 -24.23 -18.53 -15.23
CA ASP A 203 -23.44 -19.06 -14.13
C ASP A 203 -22.11 -18.35 -14.10
N ARG A 204 -21.87 -17.54 -13.07
CA ARG A 204 -20.60 -16.83 -12.95
C ARG A 204 -20.30 -16.60 -11.49
N ILE A 205 -19.02 -16.36 -11.21
CA ILE A 205 -18.60 -15.95 -9.87
C ILE A 205 -19.05 -14.52 -9.61
N LEU A 206 -19.54 -14.23 -8.42
CA LEU A 206 -19.80 -12.86 -8.01
C LEU A 206 -18.99 -12.56 -6.75
N ALA A 207 -18.04 -11.65 -6.85
CA ALA A 207 -17.15 -11.37 -5.73
C ALA A 207 -17.00 -9.87 -5.57
N THR A 208 -17.00 -9.41 -4.32
CA THR A 208 -16.96 -7.98 -4.05
C THR A 208 -16.33 -7.73 -2.70
N ASP A 209 -15.99 -6.46 -2.47
CA ASP A 209 -15.58 -5.96 -1.15
C ASP A 209 -16.75 -5.13 -0.64
N VAL A 210 -17.41 -5.57 0.42
CA VAL A 210 -18.55 -4.86 0.96
C VAL A 210 -18.01 -3.59 1.64
N SER A 211 -18.30 -2.44 1.04
CA SER A 211 -18.18 -1.15 1.70
C SER A 211 -19.58 -0.58 1.84
N ALA A 212 -20.01 -0.37 3.09
CA ALA A 212 -21.39 0.02 3.38
C ALA A 212 -21.38 1.03 4.51
N ARG A 213 -22.20 2.07 4.39
CA ARG A 213 -22.31 3.11 5.40
C ARG A 213 -23.78 3.49 5.55
N TRP A 214 -24.28 3.53 6.79
CA TRP A 214 -25.68 3.77 7.05
C TRP A 214 -25.83 4.90 8.06
N ARG A 215 -26.81 5.76 7.80
CA ARG A 215 -27.00 6.97 8.59
C ARG A 215 -28.11 6.78 9.60
N TYR A 216 -27.80 7.04 10.86
CA TYR A 216 -28.82 6.95 11.89
C TYR A 216 -29.66 8.22 11.94
N ASN A 217 -30.93 8.07 12.26
CA ASN A 217 -31.83 9.21 12.41
C ASN A 217 -31.94 9.66 13.86
N THR A 218 -31.24 8.98 14.77
CA THR A 218 -31.18 9.32 16.18
C THR A 218 -29.84 8.84 16.73
N VAL A 219 -29.39 9.50 17.80
CA VAL A 219 -28.18 9.06 18.50
C VAL A 219 -28.49 8.06 19.59
N GLU A 220 -29.77 7.74 19.81
CA GLU A 220 -30.17 6.84 20.90
C GLU A 220 -30.22 5.42 20.36
N VAL A 221 -29.03 4.88 20.15
CA VAL A 221 -28.84 3.62 19.44
C VAL A 221 -27.92 2.72 20.26
N ASP A 222 -28.20 1.42 20.26
CA ASP A 222 -27.30 0.38 20.76
C ASP A 222 -26.32 0.08 19.62
N PHE A 223 -25.26 0.88 19.55
CA PHE A 223 -24.45 0.93 18.34
C PHE A 223 -23.77 -0.42 18.05
N ASP A 224 -23.31 -1.13 19.08
CA ASP A 224 -22.64 -2.41 18.82
C ASP A 224 -23.64 -3.45 18.32
N ALA A 225 -24.84 -3.45 18.89
CA ALA A 225 -25.82 -4.47 18.49
C ALA A 225 -26.32 -4.20 17.08
N VAL A 226 -26.50 -2.93 16.72
CA VAL A 226 -26.93 -2.62 15.37
C VAL A 226 -25.81 -2.93 14.38
N TYR A 227 -24.55 -2.68 14.75
CA TYR A 227 -23.47 -3.06 13.84
C TYR A 227 -23.48 -4.56 13.57
N ALA A 228 -23.61 -5.37 14.63
CA ALA A 228 -23.63 -6.82 14.44
C ALA A 228 -24.83 -7.26 13.59
N SER A 229 -25.99 -6.65 13.83
CA SER A 229 -27.19 -6.99 13.07
C SER A 229 -27.04 -6.63 11.60
N VAL A 230 -26.61 -5.41 11.30
CA VAL A 230 -26.49 -4.95 9.92
C VAL A 230 -25.49 -5.81 9.17
N ARG A 231 -24.34 -6.08 9.79
CA ARG A 231 -23.36 -6.99 9.18
C ARG A 231 -23.99 -8.33 8.81
N GLY A 232 -24.73 -8.95 9.75
CA GLY A 232 -25.39 -10.20 9.44
C GLY A 232 -26.42 -10.09 8.32
N LEU A 233 -27.15 -8.97 8.29
CA LEU A 233 -28.15 -8.80 7.25
C LEU A 233 -27.50 -8.67 5.87
N LEU A 234 -26.41 -7.92 5.81
CA LEU A 234 -25.71 -7.74 4.53
C LEU A 234 -25.13 -9.06 4.03
N LEU A 235 -24.46 -9.81 4.92
CA LEU A 235 -23.95 -11.13 4.52
C LEU A 235 -25.07 -12.06 4.07
N LYS A 236 -26.19 -12.07 4.80
CA LYS A 236 -27.29 -12.97 4.45
C LYS A 236 -27.87 -12.62 3.09
N ALA A 237 -28.15 -11.34 2.86
CA ALA A 237 -28.74 -10.94 1.58
C ALA A 237 -27.78 -11.15 0.42
N PHE A 238 -26.47 -10.95 0.65
CA PHE A 238 -25.51 -11.25 -0.42
C PHE A 238 -25.55 -12.73 -0.76
N ALA A 239 -25.49 -13.59 0.25
CA ALA A 239 -25.38 -15.02 0.01
C ALA A 239 -26.65 -15.62 -0.57
N GLU A 240 -27.82 -15.15 -0.12
CA GLU A 240 -29.09 -15.82 -0.44
C GLU A 240 -29.84 -15.24 -1.63
N THR A 241 -29.44 -14.09 -2.15
CA THR A 241 -30.09 -13.54 -3.32
C THR A 241 -29.57 -14.22 -4.57
N HIS A 242 -30.48 -14.75 -5.40
CA HIS A 242 -30.08 -15.26 -6.71
C HIS A 242 -29.84 -14.05 -7.60
N SER A 243 -28.58 -13.74 -7.86
CA SER A 243 -28.21 -12.44 -8.41
C SER A 243 -28.37 -12.45 -9.93
N LEU A 244 -29.24 -11.58 -10.44
CA LEU A 244 -29.30 -11.28 -11.85
C LEU A 244 -28.44 -10.08 -12.21
N ALA A 245 -27.93 -9.36 -11.21
CA ALA A 245 -27.07 -8.20 -11.36
C ALA A 245 -26.56 -7.83 -9.98
N LEU A 246 -25.32 -7.31 -9.92
CA LEU A 246 -24.84 -6.80 -8.64
C LEU A 246 -25.69 -5.66 -8.14
N GLN A 247 -26.34 -4.91 -9.04
CA GLN A 247 -27.27 -3.86 -8.62
C GLN A 247 -28.41 -4.46 -7.81
N GLN A 248 -28.92 -5.62 -8.26
CA GLN A 248 -30.05 -6.25 -7.58
C GLN A 248 -29.62 -6.79 -6.22
N THR A 249 -28.47 -7.50 -6.18
CA THR A 249 -27.92 -7.96 -4.91
C THR A 249 -27.76 -6.81 -3.92
N MET A 250 -27.19 -5.69 -4.37
CA MET A 250 -26.97 -4.55 -3.49
C MET A 250 -28.29 -3.98 -2.99
N TYR A 251 -29.28 -3.91 -3.87
CA TYR A 251 -30.60 -3.44 -3.47
C TYR A 251 -31.19 -4.33 -2.38
N GLU A 252 -31.08 -5.65 -2.56
CA GLU A 252 -31.65 -6.53 -1.53
C GLU A 252 -30.88 -6.42 -0.21
N MET A 253 -29.58 -6.17 -0.26
CA MET A 253 -28.81 -5.97 0.96
C MET A 253 -29.28 -4.74 1.72
N GLY A 254 -29.44 -3.64 0.99
CA GLY A 254 -29.93 -2.42 1.62
C GLY A 254 -31.34 -2.55 2.13
N ARG A 255 -32.23 -3.18 1.34
CA ARG A 255 -33.61 -3.37 1.76
C ARG A 255 -33.67 -4.19 3.04
N ALA A 256 -32.84 -5.23 3.15
CA ALA A 256 -32.83 -6.02 4.37
C ALA A 256 -32.46 -5.16 5.56
N VAL A 257 -31.55 -4.19 5.36
CA VAL A 257 -31.18 -3.32 6.49
C VAL A 257 -32.32 -2.38 6.85
N ILE A 258 -32.87 -1.65 5.86
CA ILE A 258 -33.89 -0.63 6.15
C ILE A 258 -35.14 -1.25 6.75
N GLU A 259 -35.55 -2.43 6.26
CA GLU A 259 -36.76 -3.07 6.77
C GLU A 259 -36.65 -3.46 8.24
N THR A 260 -35.44 -3.76 8.71
CA THR A 260 -35.25 -4.27 10.08
C THR A 260 -34.85 -3.20 11.10
N HIS A 261 -34.51 -1.98 10.69
CA HIS A 261 -33.92 -1.02 11.60
C HIS A 261 -34.58 0.35 11.44
N PRO A 262 -35.58 0.65 12.26
CA PRO A 262 -36.25 1.96 12.20
C PRO A 262 -35.31 3.11 12.45
N GLU A 263 -34.22 2.89 13.18
CA GLU A 263 -33.30 3.95 13.53
C GLU A 263 -32.38 4.34 12.40
N ILE A 264 -32.44 3.66 11.27
CA ILE A 264 -31.61 3.94 10.10
C ILE A 264 -32.47 4.54 9.00
N ASP A 265 -32.05 5.70 8.47
CA ASP A 265 -32.78 6.35 7.39
C ASP A 265 -32.36 5.86 6.00
N GLU A 266 -31.11 5.42 5.86
CA GLU A 266 -30.57 5.11 4.55
C GLU A 266 -29.23 4.42 4.70
N ILE A 267 -28.89 3.65 3.68
CA ILE A 267 -27.63 2.92 3.62
C ILE A 267 -27.09 3.09 2.22
N LYS A 268 -25.80 3.44 2.13
CA LYS A 268 -25.09 3.57 0.87
C LYS A 268 -24.09 2.44 0.77
N MET A 269 -23.93 1.90 -0.42
CA MET A 269 -22.98 0.83 -0.67
C MET A 269 -22.16 1.14 -1.91
N SER A 270 -20.89 0.75 -1.85
CA SER A 270 -19.98 0.83 -2.99
C SER A 270 -19.36 -0.54 -3.14
N LEU A 271 -19.75 -1.28 -4.18
CA LEU A 271 -19.36 -2.67 -4.32
C LEU A 271 -18.56 -2.85 -5.61
N PRO A 272 -17.27 -3.14 -5.52
CA PRO A 272 -16.53 -3.53 -6.72
C PRO A 272 -16.95 -4.90 -7.19
N ASN A 273 -17.04 -5.06 -8.51
CA ASN A 273 -17.23 -6.36 -9.13
C ASN A 273 -15.81 -6.83 -9.49
N LYS A 274 -15.29 -7.70 -8.61
CA LYS A 274 -13.91 -8.23 -8.62
C LYS A 274 -13.89 -9.42 -9.57
N HIS A 275 -13.47 -9.19 -10.82
CA HIS A 275 -13.75 -10.14 -11.88
C HIS A 275 -12.91 -11.42 -11.73
N HIS A 276 -13.58 -12.56 -11.91
CA HIS A 276 -12.98 -13.88 -11.99
C HIS A 276 -13.26 -14.43 -13.38
N PHE A 277 -12.24 -14.39 -14.24
CA PHE A 277 -12.42 -14.80 -15.63
C PHE A 277 -12.17 -16.28 -15.79
N LEU A 278 -13.12 -16.96 -16.45
CA LEU A 278 -13.00 -18.37 -16.72
C LEU A 278 -11.85 -18.49 -17.72
N VAL A 279 -10.87 -19.32 -17.40
CA VAL A 279 -9.69 -19.46 -18.25
C VAL A 279 -9.97 -20.41 -19.42
N ASP A 280 -9.54 -20.01 -20.62
CA ASP A 280 -9.60 -20.84 -21.81
C ASP A 280 -8.49 -21.89 -21.76
N LEU A 281 -8.84 -23.14 -21.47
CA LEU A 281 -7.87 -24.21 -21.44
C LEU A 281 -7.90 -25.09 -22.69
N GLN A 282 -8.77 -24.77 -23.65
CA GLN A 282 -8.89 -25.60 -24.84
C GLN A 282 -7.62 -25.69 -25.68
N PRO A 283 -6.79 -24.65 -25.83
CA PRO A 283 -5.53 -24.84 -26.55
C PRO A 283 -4.60 -25.85 -25.89
N PHE A 284 -4.83 -26.19 -24.62
CA PHE A 284 -4.00 -27.14 -23.90
C PHE A 284 -4.64 -28.52 -23.87
N GLY A 285 -5.75 -28.71 -24.57
CA GLY A 285 -6.44 -29.98 -24.60
C GLY A 285 -7.37 -30.24 -23.44
N GLN A 286 -7.84 -29.20 -22.75
CA GLN A 286 -8.69 -29.38 -21.59
C GLN A 286 -9.92 -28.49 -21.71
N ASP A 287 -10.94 -28.86 -20.95
CA ASP A 287 -12.15 -28.09 -20.79
C ASP A 287 -12.09 -27.43 -19.41
N ASN A 288 -12.92 -26.42 -19.22
CA ASN A 288 -12.98 -25.69 -17.96
C ASN A 288 -14.44 -25.53 -17.53
N PRO A 289 -14.99 -26.52 -16.84
CA PRO A 289 -16.42 -26.45 -16.43
C PRO A 289 -16.62 -25.60 -15.18
N ASN A 290 -16.35 -24.30 -15.33
CA ASN A 290 -16.54 -23.30 -14.26
C ASN A 290 -15.66 -23.61 -13.04
N GLU A 291 -14.44 -24.07 -13.29
CA GLU A 291 -13.55 -24.46 -12.20
C GLU A 291 -12.30 -23.59 -12.07
N VAL A 292 -11.64 -23.24 -13.17
CA VAL A 292 -10.35 -22.55 -13.13
C VAL A 292 -10.55 -21.10 -13.54
N PHE A 293 -10.19 -20.17 -12.65
CA PHE A 293 -10.42 -18.74 -12.86
C PHE A 293 -9.16 -17.91 -12.62
N TYR A 294 -9.01 -16.87 -13.45
CA TYR A 294 -8.04 -15.81 -13.25
C TYR A 294 -8.71 -14.66 -12.48
N ALA A 295 -8.16 -14.31 -11.32
CA ALA A 295 -8.70 -13.24 -10.50
C ALA A 295 -7.99 -11.95 -10.88
N ALA A 296 -8.68 -11.10 -11.64
CA ALA A 296 -8.07 -9.88 -12.16
C ALA A 296 -8.02 -8.79 -11.08
N ASP A 297 -7.02 -7.93 -11.16
CA ASP A 297 -6.87 -6.83 -10.22
C ASP A 297 -7.63 -5.59 -10.70
N ARG A 298 -7.31 -5.13 -11.90
CA ARG A 298 -7.90 -3.95 -12.52
C ARG A 298 -8.04 -4.25 -14.01
N PRO A 299 -9.08 -3.73 -14.67
CA PRO A 299 -10.14 -2.89 -14.11
C PRO A 299 -11.17 -3.72 -13.35
N TYR A 300 -12.16 -3.06 -12.75
CA TYR A 300 -13.19 -3.76 -12.00
C TYR A 300 -14.49 -2.97 -12.07
N GLY A 301 -15.61 -3.70 -12.02
CA GLY A 301 -16.89 -3.01 -11.94
C GLY A 301 -16.99 -2.24 -10.63
N LEU A 302 -17.72 -1.13 -10.64
CA LEU A 302 -17.89 -0.35 -9.41
C LEU A 302 -19.35 0.07 -9.38
N ILE A 303 -20.16 -0.68 -8.63
CA ILE A 303 -21.61 -0.51 -8.56
C ILE A 303 -21.94 0.19 -7.24
N GLU A 304 -22.56 1.38 -7.30
CA GLU A 304 -22.80 2.16 -6.11
C GLU A 304 -24.26 2.57 -6.00
N ALA A 305 -24.84 2.41 -4.80
CA ALA A 305 -26.25 2.77 -4.66
C ALA A 305 -26.61 3.19 -3.25
N THR A 306 -27.69 3.96 -3.17
CA THR A 306 -28.31 4.40 -1.92
C THR A 306 -29.70 3.76 -1.80
N ILE A 307 -29.95 3.09 -0.68
CA ILE A 307 -31.26 2.50 -0.37
C ILE A 307 -31.81 3.28 0.82
N GLN A 308 -32.97 3.93 0.63
CA GLN A 308 -33.53 4.81 1.66
C GLN A 308 -34.96 4.43 2.02
N ARG A 309 -35.32 4.74 3.25
CA ARG A 309 -36.71 4.63 3.66
C ARG A 309 -37.52 5.64 2.85
N CYS A 310 -38.63 5.19 2.26
CA CYS A 310 -39.48 6.09 1.49
C CYS A 310 -39.83 7.33 2.31
N GLY A 311 -39.60 8.50 1.72
CA GLY A 311 -39.92 9.76 2.35
C GLY A 311 -38.82 10.39 3.20
N SER A 312 -37.70 9.70 3.40
CA SER A 312 -36.62 10.28 4.19
C SER A 312 -35.82 11.29 3.38
N ARG A 313 -34.96 12.02 4.10
CA ARG A 313 -34.18 13.10 3.52
C ARG A 313 -33.34 12.59 2.35
N ALA A 314 -33.40 13.33 1.23
CA ALA A 314 -32.66 12.93 0.04
C ALA A 314 -31.16 13.19 0.16
N ASP A 315 -30.76 14.35 0.70
CA ASP A 315 -29.38 14.81 0.59
C ASP A 315 -28.82 15.29 1.93
N HIS A 316 -28.52 14.38 2.84
CA HIS A 316 -27.94 14.83 4.10
C HIS A 316 -26.53 15.37 3.86
N PRO A 317 -26.17 16.51 4.46
CA PRO A 317 -24.84 17.09 4.23
C PRO A 317 -23.66 16.19 4.60
N ILE A 318 -23.84 15.22 5.49
CA ILE A 318 -22.69 14.43 5.94
C ILE A 318 -22.06 13.66 4.79
N TRP A 319 -22.89 13.26 3.82
CA TRP A 319 -22.38 12.48 2.70
C TRP A 319 -21.47 13.30 1.81
N SER A 320 -21.54 14.64 1.89
CA SER A 320 -20.70 15.44 1.02
C SER A 320 -19.23 15.26 1.35
N ASN A 321 -18.89 14.94 2.60
CA ASN A 321 -17.48 14.80 2.95
C ASN A 321 -17.15 13.42 3.51
N ILE A 322 -18.03 12.44 3.28
CA ILE A 322 -17.90 11.16 3.95
C ILE A 322 -16.64 10.43 3.46
N ALA A 323 -16.29 10.59 2.18
CA ALA A 323 -15.10 9.94 1.62
C ALA A 323 -13.88 10.85 1.61
N GLY A 324 -14.02 12.08 2.09
CA GLY A 324 -12.92 13.03 2.07
C GLY A 324 -13.34 14.41 1.62
N PHE A 325 -12.47 15.39 1.81
CA PHE A 325 -12.78 16.78 1.49
C PHE A 325 -12.60 17.06 0.01
N CYS A 326 -11.50 16.59 -0.58
CA CYS A 326 -11.26 16.71 -2.00
C CYS A 326 -10.20 15.67 -2.42
N THR B 35 38.42 -5.77 -19.53
CA THR B 35 37.67 -6.35 -18.42
C THR B 35 36.81 -7.53 -18.86
N CYS B 36 36.72 -8.54 -18.00
CA CYS B 36 35.95 -9.76 -18.25
C CYS B 36 34.73 -9.78 -17.35
N VAL B 37 33.57 -10.04 -17.93
CA VAL B 37 32.31 -10.08 -17.21
C VAL B 37 31.65 -11.43 -17.42
N VAL B 38 30.91 -11.91 -16.42
CA VAL B 38 30.30 -13.23 -16.48
C VAL B 38 28.92 -13.21 -15.82
N LEU B 39 28.01 -14.01 -16.37
CA LEU B 39 26.69 -14.20 -15.80
C LEU B 39 26.78 -15.07 -14.56
N GLY B 40 26.30 -14.55 -13.44
CA GLY B 40 26.22 -15.27 -12.18
C GLY B 40 24.85 -15.88 -11.95
N GLN B 41 24.45 -15.91 -10.68
CA GLN B 41 23.18 -16.50 -10.30
C GLN B 41 22.04 -15.79 -11.02
N ASN B 42 21.12 -16.57 -11.60
CA ASN B 42 19.97 -15.98 -12.30
C ASN B 42 18.78 -16.92 -12.22
N GLN B 43 17.59 -16.33 -12.39
CA GLN B 43 16.35 -17.10 -12.44
C GLN B 43 15.28 -16.22 -13.06
N TYR B 44 14.29 -16.85 -13.70
CA TYR B 44 13.29 -16.00 -14.35
C TYR B 44 11.98 -16.76 -14.48
N GLY B 45 10.89 -16.00 -14.61
CA GLY B 45 9.60 -16.63 -14.84
C GLY B 45 8.46 -15.65 -14.69
N LYS B 46 7.30 -16.19 -14.29
CA LYS B 46 6.10 -15.38 -14.17
C LYS B 46 5.72 -15.29 -12.70
N ALA B 47 5.57 -14.08 -12.20
CA ALA B 47 5.26 -13.86 -10.80
C ALA B 47 3.81 -13.43 -10.61
N GLU B 48 3.25 -13.82 -9.47
CA GLU B 48 1.93 -13.42 -9.00
C GLU B 48 0.79 -13.76 -9.98
N VAL B 49 0.75 -15.01 -10.40
CA VAL B 49 -0.36 -15.57 -11.17
C VAL B 49 -1.51 -15.87 -10.20
N ARG B 50 -2.57 -15.06 -10.25
CA ARG B 50 -3.71 -15.20 -9.35
C ARG B 50 -4.64 -16.31 -9.84
N LEU B 51 -4.84 -17.33 -9.02
CA LEU B 51 -5.60 -18.51 -9.38
C LEU B 51 -6.68 -18.79 -8.37
N VAL B 52 -7.91 -19.02 -8.85
CA VAL B 52 -8.99 -19.54 -8.02
C VAL B 52 -9.45 -20.84 -8.63
N LYS B 53 -9.45 -21.90 -7.84
CA LYS B 53 -9.90 -23.22 -8.25
C LYS B 53 -11.16 -23.55 -7.45
N VAL B 54 -12.29 -23.65 -8.14
CA VAL B 54 -13.55 -24.04 -7.53
C VAL B 54 -13.74 -25.54 -7.70
N THR B 55 -14.02 -26.22 -6.61
CA THR B 55 -14.38 -27.64 -6.63
C THR B 55 -15.89 -27.71 -6.52
N ARG B 56 -16.55 -28.10 -7.60
CA ARG B 56 -18.00 -28.16 -7.65
C ARG B 56 -18.51 -29.49 -8.20
N ASN B 57 -17.82 -30.59 -7.89
CA ASN B 57 -18.34 -31.89 -8.30
C ASN B 57 -19.68 -32.17 -7.61
N THR B 58 -19.88 -31.64 -6.42
CA THR B 58 -21.15 -31.73 -5.70
C THR B 58 -21.67 -30.31 -5.44
N ALA B 59 -22.83 -30.23 -4.76
CA ALA B 59 -23.42 -28.92 -4.47
C ALA B 59 -22.61 -28.14 -3.45
N ARG B 60 -21.83 -28.83 -2.62
CA ARG B 60 -20.99 -28.21 -1.59
C ARG B 60 -19.70 -27.79 -2.27
N HIS B 61 -19.59 -26.50 -2.62
CA HIS B 61 -18.41 -26.05 -3.32
C HIS B 61 -17.24 -25.81 -2.37
N GLU B 62 -16.02 -25.98 -2.90
CA GLU B 62 -14.79 -25.64 -2.21
C GLU B 62 -14.03 -24.59 -3.02
N ILE B 63 -13.29 -23.72 -2.33
CA ILE B 63 -12.50 -22.69 -2.99
C ILE B 63 -11.04 -22.86 -2.59
N GLN B 64 -10.14 -22.83 -3.59
CA GLN B 64 -8.71 -22.77 -3.37
C GLN B 64 -8.20 -21.50 -4.05
N ASP B 65 -7.57 -20.62 -3.30
CA ASP B 65 -7.27 -19.27 -3.77
C ASP B 65 -5.78 -19.00 -3.57
N LEU B 66 -5.03 -18.94 -4.67
CA LEU B 66 -3.57 -18.89 -4.65
C LEU B 66 -3.02 -17.72 -5.44
N ASN B 67 -1.83 -17.29 -5.05
CA ASN B 67 -1.02 -16.32 -5.77
C ASN B 67 0.32 -17.02 -6.05
N VAL B 68 0.57 -17.42 -7.31
CA VAL B 68 1.64 -18.36 -7.65
C VAL B 68 2.75 -17.67 -8.43
N THR B 69 4.00 -17.95 -8.08
CA THR B 69 5.18 -17.48 -8.81
C THR B 69 6.02 -18.67 -9.25
N SER B 70 6.39 -18.69 -10.53
CA SER B 70 7.20 -19.77 -11.10
C SER B 70 8.47 -19.16 -11.70
N GLN B 71 9.63 -19.65 -11.25
CA GLN B 71 10.90 -19.18 -11.78
C GLN B 71 11.81 -20.37 -12.05
N LEU B 72 12.46 -20.35 -13.20
CA LEU B 72 13.33 -21.43 -13.64
C LEU B 72 14.79 -21.05 -13.48
N ARG B 73 15.61 -22.09 -13.24
CA ARG B 73 17.05 -22.00 -13.14
C ARG B 73 17.68 -23.06 -14.02
N GLY B 74 18.82 -22.71 -14.61
CA GLY B 74 19.57 -23.60 -15.46
C GLY B 74 20.52 -22.87 -16.39
N ASP B 75 20.66 -23.37 -17.62
CA ASP B 75 21.56 -22.81 -18.63
C ASP B 75 20.86 -21.73 -19.42
N PHE B 76 20.98 -20.48 -18.98
CA PHE B 76 20.37 -19.36 -19.69
C PHE B 76 21.42 -18.35 -20.13
N GLU B 77 22.65 -18.84 -20.34
CA GLU B 77 23.78 -17.98 -20.70
C GLU B 77 23.52 -17.20 -21.98
N ALA B 78 23.15 -17.89 -23.07
CA ALA B 78 23.05 -17.24 -24.36
C ALA B 78 21.86 -16.29 -24.41
N ALA B 79 20.82 -16.56 -23.64
CA ALA B 79 19.74 -15.59 -23.48
C ALA B 79 20.27 -14.24 -23.02
N HIS B 80 21.18 -14.25 -22.04
CA HIS B 80 21.69 -12.99 -21.52
C HIS B 80 22.76 -12.39 -22.42
N THR B 81 23.71 -13.21 -22.90
CA THR B 81 24.84 -12.63 -23.61
C THR B 81 24.54 -12.33 -25.07
N ALA B 82 23.56 -13.03 -25.68
CA ALA B 82 23.30 -12.87 -27.10
C ALA B 82 21.83 -12.62 -27.47
N GLY B 83 20.90 -12.67 -26.52
CA GLY B 83 19.50 -12.57 -26.89
C GLY B 83 18.97 -13.80 -27.60
N ASP B 84 19.65 -14.93 -27.47
CA ASP B 84 19.18 -16.21 -28.02
C ASP B 84 18.17 -16.83 -27.06
N ASN B 85 16.91 -16.89 -27.49
CA ASN B 85 15.82 -17.34 -26.62
C ASN B 85 15.51 -18.82 -26.75
N ALA B 86 16.39 -19.61 -27.36
CA ALA B 86 16.10 -21.03 -27.56
C ALA B 86 15.84 -21.76 -26.25
N HIS B 87 16.46 -21.33 -25.14
CA HIS B 87 16.24 -21.98 -23.85
C HIS B 87 15.18 -21.28 -23.01
N VAL B 88 14.61 -20.17 -23.48
CA VAL B 88 13.77 -19.32 -22.64
C VAL B 88 12.34 -19.82 -22.81
N VAL B 89 11.97 -20.80 -22.00
CA VAL B 89 10.56 -21.14 -21.83
C VAL B 89 9.80 -19.89 -21.42
N ALA B 90 8.82 -19.48 -22.22
CA ALA B 90 8.20 -18.17 -22.04
C ALA B 90 7.56 -18.05 -20.67
N THR B 91 7.65 -16.85 -20.07
CA THR B 91 6.93 -16.65 -18.82
C THR B 91 5.43 -16.80 -19.03
N ASP B 92 4.93 -16.40 -20.19
CA ASP B 92 3.52 -16.65 -20.55
C ASP B 92 3.21 -18.14 -20.51
N THR B 93 4.15 -18.98 -20.96
CA THR B 93 3.94 -20.42 -20.96
C THR B 93 3.86 -20.96 -19.53
N GLN B 94 4.73 -20.47 -18.64
CA GLN B 94 4.70 -20.90 -17.24
C GLN B 94 3.35 -20.55 -16.62
N LYS B 95 2.85 -19.33 -16.90
CA LYS B 95 1.50 -18.94 -16.48
C LYS B 95 0.42 -19.90 -16.99
N ASN B 96 0.47 -20.22 -18.29
CA ASN B 96 -0.53 -21.11 -18.87
C ASN B 96 -0.48 -22.46 -18.20
N THR B 97 0.74 -22.92 -17.88
CA THR B 97 0.92 -24.22 -17.24
C THR B 97 0.29 -24.23 -15.86
N VAL B 98 0.41 -23.11 -15.12
CA VAL B 98 -0.26 -23.02 -13.82
C VAL B 98 -1.76 -23.27 -13.99
N TYR B 99 -2.40 -22.58 -14.93
CA TYR B 99 -3.86 -22.74 -15.01
C TYR B 99 -4.27 -24.13 -15.54
N ALA B 100 -3.53 -24.64 -16.53
CA ALA B 100 -3.83 -25.95 -17.09
C ALA B 100 -3.71 -27.03 -16.03
N PHE B 101 -2.62 -27.01 -15.26
CA PHE B 101 -2.44 -27.97 -14.18
C PHE B 101 -3.51 -27.81 -13.10
N ALA B 102 -3.94 -26.57 -12.83
CA ALA B 102 -4.99 -26.36 -11.84
C ALA B 102 -6.27 -27.10 -12.22
N ARG B 103 -6.55 -27.25 -13.52
CA ARG B 103 -7.75 -27.98 -13.95
C ARG B 103 -7.87 -29.39 -13.33
N ASP B 104 -6.75 -30.08 -13.13
CA ASP B 104 -6.78 -31.43 -12.57
C ASP B 104 -7.09 -31.45 -11.08
N GLY B 105 -7.08 -30.30 -10.42
CA GLY B 105 -7.20 -30.27 -8.98
C GLY B 105 -5.85 -30.48 -8.33
N PHE B 106 -5.80 -30.18 -7.03
CA PHE B 106 -4.60 -30.40 -6.22
C PHE B 106 -5.01 -30.45 -4.76
N ALA B 107 -4.40 -31.39 -4.02
CA ALA B 107 -4.85 -31.62 -2.66
C ALA B 107 -4.40 -30.51 -1.72
N THR B 108 -3.18 -30.01 -1.89
CA THR B 108 -2.62 -28.95 -1.07
C THR B 108 -1.85 -28.00 -1.97
N THR B 109 -1.50 -26.85 -1.42
CA THR B 109 -0.69 -25.88 -2.16
C THR B 109 0.69 -26.46 -2.48
N GLU B 110 1.32 -27.10 -1.50
CA GLU B 110 2.65 -27.71 -1.71
C GLU B 110 2.63 -28.75 -2.83
N GLU B 111 1.60 -29.59 -2.88
CA GLU B 111 1.57 -30.62 -3.92
C GLU B 111 1.41 -30.02 -5.31
N PHE B 112 0.71 -28.90 -5.42
CA PHE B 112 0.59 -28.20 -6.69
C PHE B 112 1.94 -27.64 -7.11
N LEU B 113 2.67 -27.03 -6.15
CA LEU B 113 4.01 -26.53 -6.47
C LEU B 113 4.96 -27.67 -6.84
N LEU B 114 4.82 -28.83 -6.18
CA LEU B 114 5.67 -29.96 -6.49
C LEU B 114 5.43 -30.47 -7.91
N ARG B 115 4.17 -30.50 -8.32
CA ARG B 115 3.85 -30.91 -9.68
C ARG B 115 4.44 -29.93 -10.69
N LEU B 116 4.34 -28.62 -10.41
CA LEU B 116 4.90 -27.63 -11.33
C LEU B 116 6.42 -27.77 -11.45
N GLY B 117 7.10 -27.89 -10.31
CA GLY B 117 8.55 -27.98 -10.35
C GLY B 117 9.03 -29.22 -11.06
N LYS B 118 8.38 -30.37 -10.81
CA LYS B 118 8.75 -31.59 -11.50
C LYS B 118 8.55 -31.44 -13.00
N HIS B 119 7.42 -30.82 -13.40
CA HIS B 119 7.15 -30.62 -14.82
C HIS B 119 8.27 -29.83 -15.49
N PHE B 120 8.66 -28.70 -14.91
CA PHE B 120 9.63 -27.88 -15.64
C PHE B 120 11.03 -28.47 -15.59
N THR B 121 11.42 -29.09 -14.46
CA THR B 121 12.78 -29.63 -14.41
C THR B 121 12.93 -30.88 -15.26
N GLU B 122 11.91 -31.74 -15.32
CA GLU B 122 12.02 -32.92 -16.16
C GLU B 122 11.71 -32.66 -17.62
N GLY B 123 10.95 -31.61 -17.94
CA GLY B 123 10.53 -31.39 -19.31
C GLY B 123 11.50 -30.65 -20.19
N PHE B 124 12.57 -30.10 -19.62
CA PHE B 124 13.52 -29.32 -20.40
C PHE B 124 14.93 -29.67 -19.95
N ASP B 125 15.78 -30.03 -20.92
CA ASP B 125 17.12 -30.52 -20.61
C ASP B 125 17.96 -29.45 -19.93
N TRP B 126 17.89 -28.21 -20.40
CA TRP B 126 18.71 -27.14 -19.87
C TRP B 126 18.16 -26.52 -18.58
N VAL B 127 16.97 -26.92 -18.14
CA VAL B 127 16.42 -26.46 -16.87
C VAL B 127 16.86 -27.43 -15.78
N THR B 128 17.66 -26.94 -14.83
CA THR B 128 18.19 -27.80 -13.79
C THR B 128 17.48 -27.62 -12.47
N GLY B 129 16.65 -26.58 -12.34
CA GLY B 129 15.94 -26.40 -11.10
C GLY B 129 15.05 -25.17 -11.16
N GLY B 130 14.73 -24.67 -9.98
CA GLY B 130 14.01 -23.41 -9.92
C GLY B 130 13.38 -23.18 -8.56
N ARG B 131 12.50 -22.19 -8.53
CA ARG B 131 11.82 -21.72 -7.33
C ARG B 131 10.37 -21.46 -7.68
N TRP B 132 9.47 -22.18 -7.02
CA TRP B 132 8.04 -22.04 -7.21
C TRP B 132 7.45 -21.68 -5.86
N ALA B 133 6.60 -20.65 -5.83
CA ALA B 133 6.13 -20.11 -4.57
C ALA B 133 4.65 -19.80 -4.68
N ALA B 134 3.95 -19.87 -3.55
CA ALA B 134 2.54 -19.54 -3.56
C ALA B 134 2.13 -18.94 -2.23
N GLN B 135 1.13 -18.06 -2.33
CA GLN B 135 0.42 -17.48 -1.21
C GLN B 135 -0.98 -18.08 -1.27
N GLN B 136 -1.45 -18.63 -0.16
CA GLN B 136 -2.78 -19.19 -0.05
C GLN B 136 -3.64 -18.27 0.80
N PHE B 137 -4.79 -17.87 0.24
CA PHE B 137 -5.75 -16.99 0.88
C PHE B 137 -6.97 -17.80 1.32
N PHE B 138 -7.34 -17.67 2.60
CA PHE B 138 -8.40 -18.47 3.20
C PHE B 138 -9.79 -17.85 3.10
N TRP B 139 -10.79 -18.72 2.90
CA TRP B 139 -12.19 -18.34 2.80
C TRP B 139 -13.00 -19.16 3.80
N ASP B 140 -13.94 -18.51 4.48
CA ASP B 140 -14.91 -19.14 5.36
C ASP B 140 -16.27 -19.13 4.67
N ARG B 141 -17.12 -20.12 4.98
CA ARG B 141 -18.47 -20.07 4.45
C ARG B 141 -19.28 -19.00 5.16
N ILE B 142 -20.20 -18.38 4.42
CA ILE B 142 -21.20 -17.49 5.01
C ILE B 142 -22.34 -18.34 5.53
N ASN B 143 -22.51 -18.39 6.85
CA ASN B 143 -23.59 -19.14 7.49
C ASN B 143 -23.67 -20.57 6.97
N ASP B 144 -22.50 -21.20 6.78
CA ASP B 144 -22.39 -22.58 6.32
C ASP B 144 -23.00 -22.82 4.94
N HIS B 145 -23.14 -21.78 4.11
CA HIS B 145 -23.69 -21.97 2.78
C HIS B 145 -22.79 -22.81 1.88
N ASP B 146 -23.43 -23.51 0.95
CA ASP B 146 -22.73 -24.38 0.00
C ASP B 146 -21.83 -23.61 -0.95
N HIS B 147 -22.27 -22.44 -1.44
CA HIS B 147 -21.45 -21.72 -2.41
C HIS B 147 -21.28 -20.22 -2.12
N ALA B 148 -21.47 -19.79 -0.88
CA ALA B 148 -21.28 -18.39 -0.50
C ALA B 148 -20.19 -18.29 0.55
N PHE B 149 -19.18 -17.43 0.31
CA PHE B 149 -18.00 -17.36 1.16
C PHE B 149 -17.60 -15.90 1.46
N SER B 150 -16.84 -15.74 2.54
CA SER B 150 -16.21 -14.49 2.95
C SER B 150 -14.74 -14.72 3.27
N ARG B 151 -13.89 -13.75 2.92
CA ARG B 151 -12.44 -13.90 3.10
C ARG B 151 -12.06 -13.83 4.57
N ASN B 152 -11.21 -14.77 5.01
CA ASN B 152 -10.48 -14.64 6.26
C ASN B 152 -9.16 -13.95 5.95
N LYS B 153 -9.04 -12.67 6.29
CA LYS B 153 -7.88 -11.86 5.98
C LYS B 153 -6.86 -11.84 7.13
N SER B 154 -7.10 -12.61 8.18
CA SER B 154 -6.31 -12.48 9.40
C SER B 154 -4.96 -13.20 9.34
N GLU B 155 -4.71 -13.98 8.28
CA GLU B 155 -3.42 -14.61 8.06
C GLU B 155 -3.33 -15.00 6.60
N VAL B 156 -2.10 -15.14 6.11
CA VAL B 156 -1.84 -15.62 4.76
C VAL B 156 -0.86 -16.79 4.86
N ARG B 157 -1.18 -17.90 4.19
CA ARG B 157 -0.30 -19.06 4.18
C ARG B 157 0.67 -18.96 3.03
N THR B 158 1.91 -19.43 3.22
CA THR B 158 2.89 -19.37 2.14
C THR B 158 3.52 -20.74 1.96
N ALA B 159 4.04 -20.97 0.75
CA ALA B 159 4.83 -22.15 0.43
C ALA B 159 5.86 -21.77 -0.61
N VAL B 160 7.09 -22.24 -0.41
CA VAL B 160 8.19 -22.05 -1.35
C VAL B 160 8.86 -23.41 -1.58
N LEU B 161 8.98 -23.80 -2.85
CA LEU B 161 9.64 -25.03 -3.26
C LEU B 161 10.84 -24.68 -4.12
N GLU B 162 12.01 -25.23 -3.79
CA GLU B 162 13.20 -25.04 -4.59
C GLU B 162 13.70 -26.41 -5.04
N ILE B 163 13.99 -26.54 -6.33
CA ILE B 163 14.55 -27.75 -6.90
C ILE B 163 15.95 -27.45 -7.41
N SER B 164 16.93 -28.24 -6.97
CA SER B 164 18.32 -28.18 -7.43
C SER B 164 18.72 -29.59 -7.85
N GLY B 165 18.89 -29.81 -9.16
CA GLY B 165 19.17 -31.15 -9.65
C GLY B 165 18.18 -32.17 -9.15
N SER B 166 18.65 -33.18 -8.39
CA SER B 166 17.79 -34.20 -7.82
C SER B 166 17.28 -33.86 -6.41
N GLU B 167 17.74 -32.76 -5.82
CA GLU B 167 17.33 -32.33 -4.49
C GLU B 167 16.16 -31.36 -4.57
N GLN B 168 15.21 -31.49 -3.65
CA GLN B 168 14.13 -30.51 -3.54
C GLN B 168 13.86 -30.21 -2.08
N ALA B 169 13.50 -28.94 -1.80
CA ALA B 169 13.22 -28.48 -0.45
C ALA B 169 11.94 -27.65 -0.43
N ILE B 170 11.11 -27.88 0.57
CA ILE B 170 9.86 -27.14 0.78
C ILE B 170 9.97 -26.36 2.09
N VAL B 171 9.62 -25.08 2.04
CA VAL B 171 9.48 -24.21 3.20
C VAL B 171 8.05 -23.70 3.22
N ALA B 172 7.32 -24.03 4.28
CA ALA B 172 5.97 -23.51 4.44
C ALA B 172 6.01 -22.35 5.42
N GLY B 173 4.94 -21.56 5.45
CA GLY B 173 5.00 -20.42 6.34
C GLY B 173 3.66 -19.77 6.55
N ILE B 174 3.67 -18.81 7.47
CA ILE B 174 2.51 -17.98 7.78
C ILE B 174 2.98 -16.54 7.87
N GLU B 175 2.14 -15.60 7.40
CA GLU B 175 2.50 -14.21 7.48
C GLU B 175 1.24 -13.38 7.69
N GLY B 176 1.43 -12.16 8.17
CA GLY B 176 0.32 -11.24 8.34
C GLY B 176 -0.57 -11.53 9.54
N LEU B 177 -0.12 -12.36 10.47
CA LEU B 177 -0.90 -12.71 11.66
C LEU B 177 -0.47 -11.80 12.81
N THR B 178 -1.32 -10.84 13.16
CA THR B 178 -0.97 -9.84 14.16
C THR B 178 -1.51 -10.26 15.53
N VAL B 179 -0.64 -10.20 16.54
CA VAL B 179 -1.00 -10.65 17.87
C VAL B 179 -0.54 -9.61 18.90
N LEU B 180 -1.15 -9.69 20.09
CA LEU B 180 -0.93 -8.69 21.13
C LEU B 180 -1.16 -9.31 22.49
N LYS B 181 -0.25 -9.02 23.41
CA LYS B 181 -0.35 -9.32 24.83
C LYS B 181 -0.52 -7.99 25.53
N SER B 182 -1.60 -7.83 26.31
CA SER B 182 -1.81 -6.57 27.00
C SER B 182 -1.07 -6.49 28.34
N THR B 183 -0.55 -7.61 28.82
CA THR B 183 0.32 -7.66 30.00
C THR B 183 1.09 -8.96 29.90
N GLY B 184 1.91 -9.26 30.91
CA GLY B 184 2.72 -10.46 30.83
C GLY B 184 3.95 -10.28 29.96
N SER B 185 4.45 -9.06 29.87
CA SER B 185 5.67 -8.78 29.13
C SER B 185 6.51 -7.80 29.95
N GLU B 186 7.81 -8.06 30.01
CA GLU B 186 8.75 -7.23 30.74
C GLU B 186 9.98 -7.00 29.89
N PHE B 187 10.68 -5.89 30.17
CA PHE B 187 11.99 -5.67 29.54
C PHE B 187 12.87 -4.90 30.52
N HIS B 188 13.84 -5.59 31.11
CA HIS B 188 14.72 -4.99 32.10
C HIS B 188 16.04 -5.72 32.10
N GLY B 189 17.04 -5.13 32.75
CA GLY B 189 18.35 -5.74 32.79
C GLY B 189 19.20 -5.46 31.59
N PHE B 190 18.80 -4.54 30.72
CA PHE B 190 19.58 -4.24 29.55
C PHE B 190 20.68 -3.21 29.89
N PRO B 191 21.80 -3.25 29.18
CA PRO B 191 22.91 -2.35 29.53
C PRO B 191 22.55 -0.92 29.21
N ARG B 192 23.19 0.01 29.94
CA ARG B 192 22.85 1.43 29.81
C ARG B 192 24.12 2.19 29.44
N ASP B 193 24.21 2.57 28.17
CA ASP B 193 25.35 3.31 27.66
C ASP B 193 25.00 4.80 27.58
N LYS B 194 25.90 5.57 26.99
CA LYS B 194 25.71 7.01 26.87
C LYS B 194 24.42 7.36 26.13
N TYR B 195 23.93 6.47 25.26
CA TYR B 195 22.75 6.74 24.45
C TYR B 195 21.50 6.04 24.94
N THR B 196 21.49 5.49 26.16
CA THR B 196 20.37 4.71 26.67
C THR B 196 19.50 5.58 27.57
N THR B 197 18.23 5.76 27.17
CA THR B 197 17.26 6.50 27.97
C THR B 197 16.01 5.69 28.33
N LEU B 198 15.83 4.50 27.76
CA LEU B 198 14.64 3.71 28.01
C LEU B 198 14.56 3.27 29.47
N GLN B 199 13.39 3.41 30.07
CA GLN B 199 13.16 2.95 31.43
C GLN B 199 12.84 1.45 31.46
N GLU B 200 13.39 0.76 32.44
CA GLU B 200 13.00 -0.62 32.69
C GLU B 200 11.53 -0.70 33.05
N THR B 201 10.90 -1.83 32.71
CA THR B 201 9.50 -2.05 33.04
C THR B 201 9.28 -3.53 33.28
N THR B 202 8.28 -3.83 34.11
CA THR B 202 7.83 -5.19 34.34
C THR B 202 6.45 -5.45 33.77
N ASP B 203 5.81 -4.42 33.21
CA ASP B 203 4.48 -4.55 32.63
C ASP B 203 4.37 -3.66 31.39
N ARG B 204 4.19 -4.27 30.22
CA ARG B 204 4.03 -3.52 28.99
C ARG B 204 3.22 -4.35 28.00
N ILE B 205 2.75 -3.72 26.94
CA ILE B 205 2.13 -4.46 25.84
C ILE B 205 3.23 -5.07 24.98
N LEU B 206 3.02 -6.29 24.52
CA LEU B 206 3.89 -6.89 23.52
C LEU B 206 3.04 -7.21 22.30
N ALA B 207 3.29 -6.55 21.18
CA ALA B 207 2.51 -6.78 19.98
C ALA B 207 3.43 -6.99 18.78
N THR B 208 3.06 -7.93 17.92
CA THR B 208 3.92 -8.24 16.78
C THR B 208 3.09 -8.77 15.62
N ASP B 209 3.71 -8.80 14.44
CA ASP B 209 3.19 -9.47 13.26
C ASP B 209 3.99 -10.77 13.08
N VAL B 210 3.34 -11.91 13.23
CA VAL B 210 4.01 -13.20 13.13
C VAL B 210 4.32 -13.46 11.66
N SER B 211 5.61 -13.49 11.33
CA SER B 211 6.12 -14.00 10.07
C SER B 211 7.00 -15.19 10.39
N ALA B 212 6.61 -16.37 9.91
CA ALA B 212 7.29 -17.62 10.28
C ALA B 212 7.37 -18.51 9.07
N ARG B 213 8.53 -19.13 8.87
CA ARG B 213 8.75 -20.03 7.76
C ARG B 213 9.56 -21.23 8.26
N TRP B 214 9.09 -22.43 7.96
CA TRP B 214 9.72 -23.65 8.47
C TRP B 214 10.03 -24.59 7.31
N ARG B 215 11.20 -25.21 7.39
CA ARG B 215 11.71 -26.08 6.33
C ARG B 215 11.45 -27.55 6.66
N TYR B 216 10.78 -28.25 5.74
CA TYR B 216 10.53 -29.68 5.93
C TYR B 216 11.75 -30.50 5.54
N ASN B 217 11.94 -31.63 6.23
CA ASN B 217 13.04 -32.53 5.90
C ASN B 217 12.61 -33.66 4.96
N THR B 218 11.33 -33.69 4.58
CA THR B 218 10.79 -34.68 3.65
C THR B 218 9.54 -34.08 3.02
N VAL B 219 9.19 -34.59 1.83
CA VAL B 219 7.95 -34.17 1.17
C VAL B 219 6.77 -35.05 1.56
N GLU B 220 6.99 -36.06 2.40
CA GLU B 220 5.92 -36.96 2.84
C GLU B 220 5.30 -36.35 4.09
N VAL B 221 4.49 -35.32 3.88
CA VAL B 221 3.93 -34.52 4.96
C VAL B 221 2.43 -34.33 4.68
N ASP B 222 1.63 -34.30 5.74
CA ASP B 222 0.23 -33.86 5.67
C ASP B 222 0.23 -32.34 5.81
N PHE B 223 0.43 -31.66 4.67
CA PHE B 223 0.82 -30.25 4.71
C PHE B 223 -0.27 -29.39 5.37
N ASP B 224 -1.54 -29.69 5.12
CA ASP B 224 -2.60 -28.90 5.74
C ASP B 224 -2.65 -29.11 7.25
N ALA B 225 -2.49 -30.36 7.70
CA ALA B 225 -2.57 -30.64 9.13
C ALA B 225 -1.37 -30.04 9.84
N VAL B 226 -0.19 -30.10 9.23
CA VAL B 226 0.98 -29.51 9.87
C VAL B 226 0.86 -28.00 9.90
N TYR B 227 0.33 -27.38 8.83
CA TYR B 227 0.12 -25.93 8.88
C TYR B 227 -0.79 -25.55 10.05
N ALA B 228 -1.95 -26.23 10.17
CA ALA B 228 -2.85 -25.90 11.26
C ALA B 228 -2.20 -26.11 12.62
N SER B 229 -1.43 -27.19 12.77
CA SER B 229 -0.74 -27.46 14.02
C SER B 229 0.27 -26.37 14.35
N VAL B 230 1.13 -26.04 13.39
CA VAL B 230 2.17 -25.04 13.61
C VAL B 230 1.55 -23.70 13.97
N ARG B 231 0.50 -23.30 13.24
CA ARG B 231 -0.20 -22.06 13.57
C ARG B 231 -0.68 -22.06 15.02
N GLY B 232 -1.33 -23.16 15.43
CA GLY B 232 -1.80 -23.23 16.81
C GLY B 232 -0.67 -23.18 17.82
N LEU B 233 0.44 -23.86 17.52
CA LEU B 233 1.58 -23.89 18.42
C LEU B 233 2.21 -22.51 18.55
N LEU B 234 2.33 -21.78 17.44
CA LEU B 234 2.92 -20.46 17.49
C LEU B 234 2.07 -19.51 18.32
N LEU B 235 0.75 -19.54 18.08
CA LEU B 235 -0.17 -18.71 18.88
C LEU B 235 -0.10 -19.08 20.37
N LYS B 236 -0.15 -20.37 20.67
CA LYS B 236 -0.16 -20.83 22.06
C LYS B 236 1.12 -20.41 22.78
N ALA B 237 2.28 -20.60 22.13
CA ALA B 237 3.54 -20.21 22.74
C ALA B 237 3.64 -18.70 22.90
N PHE B 238 3.12 -17.92 21.95
CA PHE B 238 3.13 -16.48 22.13
C PHE B 238 2.28 -16.08 23.34
N ALA B 239 1.09 -16.66 23.46
CA ALA B 239 0.14 -16.25 24.50
C ALA B 239 0.58 -16.69 25.88
N GLU B 240 1.20 -17.86 25.98
CA GLU B 240 1.41 -18.50 27.28
C GLU B 240 2.80 -18.28 27.86
N THR B 241 3.75 -17.76 27.08
CA THR B 241 5.07 -17.46 27.60
C THR B 241 5.07 -16.11 28.32
N HIS B 242 5.51 -16.09 29.57
CA HIS B 242 5.75 -14.84 30.27
C HIS B 242 7.03 -14.22 29.72
N SER B 243 6.90 -13.11 29.01
CA SER B 243 7.98 -12.61 28.15
C SER B 243 8.90 -11.71 28.94
N LEU B 244 10.18 -12.12 29.06
CA LEU B 244 11.21 -11.21 29.53
C LEU B 244 11.91 -10.51 28.38
N ALA B 245 11.68 -10.98 27.15
CA ALA B 245 12.27 -10.43 25.94
C ALA B 245 11.51 -11.02 24.77
N LEU B 246 11.34 -10.22 23.71
CA LEU B 246 10.74 -10.78 22.51
C LEU B 246 11.60 -11.90 21.92
N GLN B 247 12.92 -11.82 22.11
CA GLN B 247 13.80 -12.94 21.76
C GLN B 247 13.35 -14.23 22.44
N GLN B 248 13.02 -14.15 23.73
CA GLN B 248 12.63 -15.35 24.48
C GLN B 248 11.30 -15.92 23.99
N THR B 249 10.31 -15.04 23.79
CA THR B 249 9.03 -15.45 23.24
C THR B 249 9.22 -16.18 21.92
N MET B 250 10.02 -15.58 21.02
CA MET B 250 10.27 -16.19 19.72
C MET B 250 10.97 -17.53 19.85
N TYR B 251 11.96 -17.64 20.75
CA TYR B 251 12.62 -18.92 20.97
C TYR B 251 11.63 -19.98 21.43
N GLU B 252 10.72 -19.63 22.36
CA GLU B 252 9.75 -20.62 22.83
C GLU B 252 8.77 -21.02 21.73
N MET B 253 8.43 -20.09 20.84
CA MET B 253 7.55 -20.41 19.71
C MET B 253 8.21 -21.42 18.78
N GLY B 254 9.46 -21.15 18.42
CA GLY B 254 10.18 -22.07 17.55
C GLY B 254 10.41 -23.42 18.21
N ARG B 255 10.74 -23.42 19.50
CA ARG B 255 10.95 -24.68 20.21
C ARG B 255 9.69 -25.53 20.23
N ALA B 256 8.53 -24.92 20.49
CA ALA B 256 7.30 -25.70 20.45
C ALA B 256 7.10 -26.35 19.09
N VAL B 257 7.44 -25.63 18.02
CA VAL B 257 7.25 -26.22 16.69
C VAL B 257 8.23 -27.38 16.48
N ILE B 258 9.50 -27.17 16.80
CA ILE B 258 10.49 -28.21 16.54
C ILE B 258 10.22 -29.45 17.37
N GLU B 259 9.83 -29.26 18.64
CA GLU B 259 9.59 -30.40 19.51
C GLU B 259 8.35 -31.17 19.12
N THR B 260 7.42 -30.56 18.39
CA THR B 260 6.20 -31.29 18.08
C THR B 260 6.21 -31.95 16.69
N HIS B 261 7.11 -31.54 15.80
CA HIS B 261 7.03 -31.95 14.39
C HIS B 261 8.36 -32.50 13.93
N PRO B 262 8.55 -33.83 13.95
CA PRO B 262 9.81 -34.41 13.48
C PRO B 262 10.14 -34.10 12.03
N GLU B 263 9.13 -33.83 11.21
CA GLU B 263 9.34 -33.53 9.79
C GLU B 263 9.87 -32.12 9.54
N ILE B 264 10.06 -31.31 10.57
CA ILE B 264 10.57 -29.94 10.42
C ILE B 264 11.98 -29.88 11.01
N ASP B 265 12.95 -29.41 10.21
CA ASP B 265 14.32 -29.26 10.66
C ASP B 265 14.61 -27.90 11.30
N GLU B 266 13.88 -26.87 10.90
CA GLU B 266 14.18 -25.52 11.36
C GLU B 266 13.04 -24.58 11.02
N ILE B 267 12.96 -23.49 11.78
CA ILE B 267 11.95 -22.47 11.58
C ILE B 267 12.60 -21.11 11.79
N LYS B 268 12.39 -20.20 10.85
CA LYS B 268 12.85 -18.82 10.94
C LYS B 268 11.66 -17.93 11.24
N MET B 269 11.86 -16.94 12.09
CA MET B 269 10.83 -15.98 12.41
C MET B 269 11.38 -14.56 12.34
N SER B 270 10.52 -13.65 11.90
CA SER B 270 10.82 -12.22 11.87
C SER B 270 9.67 -11.50 12.55
N LEU B 271 9.92 -10.94 13.72
CA LEU B 271 8.86 -10.36 14.54
C LEU B 271 9.13 -8.88 14.75
N PRO B 272 8.31 -7.99 14.19
CA PRO B 272 8.38 -6.59 14.59
C PRO B 272 7.82 -6.40 15.99
N ASN B 273 8.46 -5.52 16.75
CA ASN B 273 7.94 -5.07 18.03
C ASN B 273 7.21 -3.77 17.71
N LYS B 274 5.87 -3.89 17.63
CA LYS B 274 4.94 -2.83 17.24
C LYS B 274 4.59 -2.05 18.50
N HIS B 275 5.27 -0.94 18.70
CA HIS B 275 5.29 -0.29 20.01
C HIS B 275 3.95 0.36 20.33
N HIS B 276 3.49 0.14 21.57
CA HIS B 276 2.32 0.78 22.15
C HIS B 276 2.82 1.59 23.34
N PHE B 277 2.95 2.90 23.16
CA PHE B 277 3.54 3.75 24.18
C PHE B 277 2.51 4.20 25.20
N LEU B 278 2.86 4.07 26.48
CA LEU B 278 1.98 4.52 27.54
C LEU B 278 1.94 6.04 27.44
N VAL B 279 0.75 6.59 27.28
CA VAL B 279 0.61 8.03 27.09
C VAL B 279 0.76 8.75 28.43
N ASP B 280 1.48 9.87 28.42
CA ASP B 280 1.63 10.71 29.62
C ASP B 280 0.41 11.60 29.76
N LEU B 281 -0.45 11.28 30.73
CA LEU B 281 -1.66 12.06 30.98
C LEU B 281 -1.50 12.99 32.19
N GLN B 282 -0.35 12.96 32.85
CA GLN B 282 -0.10 13.83 34.01
C GLN B 282 -0.30 15.32 33.72
N PRO B 283 0.06 15.87 32.55
CA PRO B 283 -0.23 17.29 32.29
C PRO B 283 -1.71 17.62 32.31
N PHE B 284 -2.59 16.62 32.21
CA PHE B 284 -4.04 16.85 32.18
C PHE B 284 -4.70 16.53 33.52
N GLY B 285 -3.92 16.25 34.56
CA GLY B 285 -4.49 15.90 35.86
C GLY B 285 -4.91 14.46 36.02
N GLN B 286 -4.39 13.55 35.19
CA GLN B 286 -4.79 12.15 35.21
C GLN B 286 -3.57 11.24 35.31
N ASP B 287 -3.80 10.04 35.81
CA ASP B 287 -2.83 8.95 35.82
C ASP B 287 -3.18 8.00 34.68
N ASN B 288 -2.24 7.16 34.30
CA ASN B 288 -2.48 6.18 33.24
C ASN B 288 -2.05 4.80 33.71
N PRO B 289 -2.96 4.05 34.34
CA PRO B 289 -2.59 2.72 34.87
C PRO B 289 -2.58 1.64 33.80
N ASN B 290 -1.71 1.79 32.81
CA ASN B 290 -1.53 0.82 31.73
C ASN B 290 -2.81 0.64 30.91
N GLU B 291 -3.51 1.74 30.66
CA GLU B 291 -4.80 1.69 29.97
C GLU B 291 -4.79 2.39 28.61
N VAL B 292 -4.21 3.59 28.53
CA VAL B 292 -4.27 4.42 27.32
C VAL B 292 -2.93 4.37 26.61
N PHE B 293 -2.93 3.92 25.35
CA PHE B 293 -1.70 3.71 24.60
C PHE B 293 -1.76 4.36 23.22
N TYR B 294 -0.59 4.81 22.77
CA TYR B 294 -0.39 5.32 21.41
C TYR B 294 0.28 4.22 20.61
N ALA B 295 -0.40 3.75 19.56
CA ALA B 295 0.13 2.68 18.72
C ALA B 295 0.92 3.31 17.59
N ALA B 296 2.25 3.27 17.71
CA ALA B 296 3.16 3.92 16.78
C ALA B 296 3.30 3.11 15.50
N ASP B 297 3.59 3.81 14.40
CA ASP B 297 3.84 3.13 13.12
C ASP B 297 5.32 2.78 12.97
N ARG B 298 6.17 3.78 12.96
CA ARG B 298 7.61 3.63 12.77
C ARG B 298 8.31 4.59 13.71
N PRO B 299 9.53 4.25 14.18
CA PRO B 299 10.27 3.00 13.93
C PRO B 299 9.72 1.86 14.78
N TYR B 300 10.22 0.64 14.58
CA TYR B 300 9.74 -0.51 15.34
C TYR B 300 10.89 -1.46 15.56
N GLY B 301 10.83 -2.20 16.67
CA GLY B 301 11.81 -3.25 16.87
C GLY B 301 11.68 -4.33 15.80
N LEU B 302 12.80 -4.95 15.42
CA LEU B 302 12.71 -6.05 14.46
C LEU B 302 13.62 -7.16 14.98
N ILE B 303 13.01 -8.18 15.58
CA ILE B 303 13.70 -9.29 16.24
C ILE B 303 13.60 -10.52 15.34
N GLU B 304 14.75 -11.05 14.89
CA GLU B 304 14.73 -12.14 13.93
C GLU B 304 15.61 -13.30 14.40
N ALA B 305 15.09 -14.52 14.26
CA ALA B 305 15.90 -15.66 14.71
C ALA B 305 15.55 -16.93 13.96
N THR B 306 16.50 -17.86 14.01
CA THR B 306 16.37 -19.20 13.49
C THR B 306 16.43 -20.20 14.64
N ILE B 307 15.44 -21.07 14.72
CA ILE B 307 15.42 -22.15 15.71
C ILE B 307 15.57 -23.46 14.94
N GLN B 308 16.59 -24.25 15.29
CA GLN B 308 16.90 -25.45 14.52
C GLN B 308 16.96 -26.70 15.38
N ARG B 309 16.72 -27.83 14.73
CA ARG B 309 16.87 -29.15 15.34
C ARG B 309 18.36 -29.46 15.42
N CYS B 310 18.85 -29.81 16.61
CA CYS B 310 20.27 -30.14 16.78
C CYS B 310 20.73 -31.15 15.74
N GLY B 311 21.90 -30.89 15.16
CA GLY B 311 22.47 -31.77 14.15
C GLY B 311 21.98 -31.56 12.73
N SER B 312 20.94 -30.75 12.53
CA SER B 312 20.42 -30.53 11.19
C SER B 312 21.31 -29.57 10.41
N ARG B 313 21.02 -29.45 9.12
CA ARG B 313 21.83 -28.64 8.22
C ARG B 313 21.92 -27.21 8.73
N ALA B 314 23.13 -26.63 8.65
CA ALA B 314 23.35 -25.31 9.24
C ALA B 314 22.75 -24.20 8.39
N ASP B 315 23.04 -24.18 7.07
CA ASP B 315 22.53 -23.08 6.22
C ASP B 315 22.09 -23.64 4.85
N HIS B 316 20.82 -24.05 4.77
CA HIS B 316 20.27 -24.58 3.53
C HIS B 316 20.20 -23.48 2.48
N PRO B 317 20.48 -23.78 1.20
CA PRO B 317 20.46 -22.73 0.17
C PRO B 317 19.11 -22.06 -0.05
N ILE B 318 18.01 -22.73 0.28
CA ILE B 318 16.68 -22.19 0.01
C ILE B 318 16.46 -20.87 0.72
N TRP B 319 17.10 -20.66 1.87
CA TRP B 319 16.89 -19.42 2.61
C TRP B 319 17.51 -18.21 1.94
N SER B 320 18.46 -18.41 1.02
CA SER B 320 19.17 -17.27 0.45
C SER B 320 18.26 -16.40 -0.39
N ASN B 321 17.22 -16.98 -1.01
CA ASN B 321 16.30 -16.21 -1.83
C ASN B 321 14.86 -16.32 -1.34
N ILE B 322 14.68 -16.72 -0.07
CA ILE B 322 13.33 -16.95 0.44
C ILE B 322 12.54 -15.65 0.49
N ALA B 323 13.20 -14.52 0.70
CA ALA B 323 12.53 -13.22 0.79
C ALA B 323 12.63 -12.43 -0.51
N GLY B 324 13.29 -12.97 -1.52
CA GLY B 324 13.50 -12.25 -2.76
C GLY B 324 14.90 -12.39 -3.27
N PHE B 325 15.14 -12.03 -4.54
CA PHE B 325 16.44 -12.18 -5.18
C PHE B 325 17.39 -11.07 -4.75
N CYS B 326 16.91 -9.83 -4.74
CA CYS B 326 17.71 -8.70 -4.29
C CYS B 326 16.77 -7.57 -3.89
N THR C 35 13.90 -34.14 22.48
CA THR C 35 14.21 -33.34 21.30
C THR C 35 15.20 -32.23 21.65
N CYS C 36 16.22 -32.05 20.82
CA CYS C 36 17.28 -31.09 21.08
C CYS C 36 17.13 -29.91 20.14
N VAL C 37 17.09 -28.71 20.70
CA VAL C 37 16.84 -27.46 19.99
C VAL C 37 18.04 -26.55 20.16
N VAL C 38 18.40 -25.83 19.11
CA VAL C 38 19.55 -24.93 19.15
C VAL C 38 19.21 -23.63 18.42
N LEU C 39 19.69 -22.53 18.97
CA LEU C 39 19.55 -21.21 18.39
C LEU C 39 20.51 -21.05 17.22
N GLY C 40 19.99 -20.73 16.04
CA GLY C 40 20.79 -20.48 14.85
C GLY C 40 20.99 -19.01 14.57
N GLN C 41 21.06 -18.68 13.28
CA GLN C 41 21.32 -17.30 12.87
C GLN C 41 20.24 -16.38 13.42
N ASN C 42 20.66 -15.26 14.02
CA ASN C 42 19.72 -14.31 14.58
C ASN C 42 20.29 -12.91 14.48
N GLN C 43 19.41 -11.92 14.49
CA GLN C 43 19.83 -10.53 14.46
C GLN C 43 18.68 -9.70 14.99
N TYR C 44 18.99 -8.53 15.57
CA TYR C 44 17.87 -7.77 16.11
C TYR C 44 18.23 -6.29 16.18
N GLY C 45 17.21 -5.44 16.12
CA GLY C 45 17.48 -4.02 16.29
C GLY C 45 16.24 -3.20 16.06
N LYS C 46 16.46 -1.97 15.60
CA LYS C 46 15.38 -1.02 15.36
C LYS C 46 15.30 -0.75 13.87
N ALA C 47 14.11 -0.93 13.30
CA ALA C 47 13.90 -0.79 11.86
C ALA C 47 13.15 0.50 11.53
N GLU C 48 13.47 1.05 10.36
CA GLU C 48 12.77 2.20 9.77
C GLU C 48 12.71 3.43 10.70
N VAL C 49 13.88 3.84 11.17
CA VAL C 49 14.08 5.10 11.89
C VAL C 49 14.13 6.23 10.86
N ARG C 50 13.08 7.05 10.83
CA ARG C 50 12.97 8.14 9.86
C ARG C 50 13.75 9.36 10.36
N LEU C 51 14.75 9.76 9.59
CA LEU C 51 15.69 10.81 9.96
C LEU C 51 15.69 11.87 8.88
N VAL C 52 15.62 13.13 9.29
CA VAL C 52 15.85 14.25 8.39
C VAL C 52 16.92 15.13 9.03
N LYS C 53 18.01 15.35 8.31
CA LYS C 53 19.11 16.17 8.76
C LYS C 53 19.16 17.42 7.89
N VAL C 54 18.94 18.57 8.50
CA VAL C 54 19.05 19.86 7.83
C VAL C 54 20.44 20.42 8.05
N THR C 55 21.08 20.86 6.97
CA THR C 55 22.35 21.56 7.03
C THR C 55 22.04 23.04 6.79
N ARG C 56 22.22 23.85 7.83
CA ARG C 56 21.92 25.28 7.79
C ARG C 56 23.06 26.12 8.34
N ASN C 57 24.31 25.73 8.02
CA ASN C 57 25.47 26.54 8.39
C ASN C 57 25.42 27.88 7.71
N THR C 58 24.80 27.93 6.52
CA THR C 58 24.63 29.12 5.71
C THR C 58 23.14 29.26 5.40
N ALA C 59 22.81 30.29 4.62
CA ALA C 59 21.42 30.50 4.24
C ALA C 59 20.93 29.42 3.29
N ARG C 60 21.82 28.82 2.49
CA ARG C 60 21.40 27.78 1.56
C ARG C 60 21.33 26.47 2.33
N HIS C 61 20.12 26.05 2.67
CA HIS C 61 19.95 24.83 3.44
C HIS C 61 20.10 23.59 2.55
N GLU C 62 20.53 22.50 3.17
CA GLU C 62 20.59 21.20 2.53
C GLU C 62 19.74 20.24 3.32
N ILE C 63 19.19 19.22 2.64
CA ILE C 63 18.33 18.23 3.27
C ILE C 63 18.90 16.84 3.00
N GLN C 64 19.03 16.04 4.06
CA GLN C 64 19.36 14.62 3.95
C GLN C 64 18.22 13.85 4.59
N ASP C 65 17.60 12.95 3.84
CA ASP C 65 16.35 12.32 4.26
C ASP C 65 16.51 10.82 4.17
N LEU C 66 16.53 10.14 5.32
CA LEU C 66 16.89 8.73 5.40
C LEU C 66 15.86 7.92 6.17
N ASN C 67 15.77 6.65 5.81
CA ASN C 67 15.01 5.63 6.53
C ASN C 67 16.02 4.57 6.93
N VAL C 68 16.39 4.51 8.21
CA VAL C 68 17.56 3.77 8.68
C VAL C 68 17.12 2.56 9.49
N THR C 69 17.73 1.41 9.24
CA THR C 69 17.49 0.19 10.01
C THR C 69 18.83 -0.28 10.58
N SER C 70 18.85 -0.55 11.89
CA SER C 70 20.06 -1.01 12.58
C SER C 70 19.79 -2.35 13.24
N GLN C 71 20.58 -3.37 12.91
CA GLN C 71 20.44 -4.69 13.51
C GLN C 71 21.82 -5.23 13.90
N LEU C 72 21.89 -5.88 15.05
CA LEU C 72 23.12 -6.39 15.62
C LEU C 72 23.16 -7.92 15.54
N ARG C 73 24.40 -8.43 15.46
CA ARG C 73 24.71 -9.85 15.46
C ARG C 73 25.87 -10.11 16.42
N GLY C 74 25.83 -11.25 17.08
CA GLY C 74 26.83 -11.64 18.06
C GLY C 74 26.28 -12.71 18.99
N ASP C 75 26.72 -12.63 20.25
CA ASP C 75 26.36 -13.58 21.31
C ASP C 75 25.08 -13.14 21.99
N PHE C 76 23.94 -13.64 21.50
CA PHE C 76 22.64 -13.33 22.10
C PHE C 76 21.93 -14.60 22.55
N GLU C 77 22.71 -15.63 22.87
CA GLU C 77 22.18 -16.93 23.26
C GLU C 77 21.23 -16.82 24.46
N ALA C 78 21.67 -16.14 25.52
CA ALA C 78 20.91 -16.14 26.76
C ALA C 78 19.65 -15.28 26.63
N ALA C 79 19.67 -14.25 25.78
CA ALA C 79 18.45 -13.49 25.52
C ALA C 79 17.34 -14.38 25.00
N HIS C 80 17.67 -15.26 24.05
CA HIS C 80 16.67 -16.18 23.50
C HIS C 80 16.33 -17.31 24.47
N THR C 81 17.33 -17.91 25.13
CA THR C 81 17.04 -19.12 25.89
C THR C 81 16.59 -18.85 27.32
N ALA C 82 16.95 -17.72 27.91
CA ALA C 82 16.59 -17.41 29.28
C ALA C 82 15.93 -16.05 29.47
N GLY C 83 15.85 -15.22 28.43
CA GLY C 83 15.35 -13.87 28.65
C GLY C 83 16.30 -12.97 29.40
N ASP C 84 17.59 -13.29 29.40
CA ASP C 84 18.63 -12.46 29.98
C ASP C 84 19.00 -11.34 29.01
N ASN C 85 18.76 -10.10 29.41
CA ASN C 85 18.97 -8.95 28.55
C ASN C 85 20.30 -8.26 28.79
N ALA C 86 21.24 -8.91 29.50
CA ALA C 86 22.54 -8.28 29.76
C ALA C 86 23.25 -7.91 28.47
N HIS C 87 23.08 -8.69 27.41
CA HIS C 87 23.72 -8.38 26.13
C HIS C 87 22.83 -7.60 25.18
N VAL C 88 21.59 -7.29 25.55
CA VAL C 88 20.60 -6.80 24.59
C VAL C 88 20.69 -5.28 24.64
N VAL C 89 21.55 -4.71 23.79
CA VAL C 89 21.52 -3.27 23.55
C VAL C 89 20.14 -2.91 23.03
N ALA C 90 19.42 -2.06 23.76
CA ALA C 90 18.02 -1.84 23.46
C ALA C 90 17.84 -1.28 22.06
N THR C 91 16.77 -1.71 21.39
CA THR C 91 16.46 -1.11 20.09
C THR C 91 16.24 0.39 20.22
N ASP C 92 15.65 0.82 21.35
CA ASP C 92 15.50 2.26 21.61
C ASP C 92 16.87 2.94 21.66
N THR C 93 17.86 2.28 22.25
CA THR C 93 19.20 2.84 22.29
C THR C 93 19.80 2.94 20.89
N GLN C 94 19.55 1.93 20.04
CA GLN C 94 20.05 1.98 18.66
C GLN C 94 19.45 3.18 17.93
N LYS C 95 18.14 3.40 18.10
CA LYS C 95 17.48 4.57 17.53
C LYS C 95 18.10 5.87 18.02
N ASN C 96 18.27 5.99 19.34
CA ASN C 96 18.86 7.21 19.88
C ASN C 96 20.24 7.45 19.29
N THR C 97 20.99 6.36 19.09
CA THR C 97 22.33 6.49 18.52
C THR C 97 22.26 7.06 17.12
N VAL C 98 21.25 6.61 16.34
CA VAL C 98 21.07 7.17 15.00
C VAL C 98 20.93 8.69 15.06
N TYR C 99 20.03 9.19 15.92
CA TYR C 99 19.81 10.64 15.90
C TYR C 99 21.01 11.42 16.48
N ALA C 100 21.65 10.87 17.51
CA ALA C 100 22.79 11.54 18.12
C ALA C 100 23.95 11.63 17.13
N PHE C 101 24.23 10.54 16.42
CA PHE C 101 25.27 10.56 15.39
C PHE C 101 24.90 11.53 14.27
N ALA C 102 23.61 11.62 13.92
CA ALA C 102 23.21 12.53 12.85
C ALA C 102 23.55 13.98 13.19
N ARG C 103 23.55 14.31 14.49
CA ARG C 103 23.85 15.70 14.86
C ARG C 103 25.21 16.18 14.32
N ASP C 104 26.20 15.30 14.28
CA ASP C 104 27.52 15.64 13.76
C ASP C 104 27.56 15.81 12.25
N GLY C 105 26.52 15.40 11.53
CA GLY C 105 26.54 15.41 10.08
C GLY C 105 27.19 14.16 9.53
N PHE C 106 26.97 13.95 8.23
CA PHE C 106 27.53 12.82 7.51
C PHE C 106 27.61 13.17 6.02
N ALA C 107 28.71 12.76 5.38
CA ALA C 107 28.95 13.15 4.00
C ALA C 107 28.07 12.37 3.03
N THR C 108 27.85 11.08 3.31
CA THR C 108 27.02 10.25 2.47
C THR C 108 26.28 9.26 3.36
N THR C 109 25.28 8.61 2.78
CA THR C 109 24.53 7.59 3.50
C THR C 109 25.42 6.43 3.92
N GLU C 110 26.25 5.92 3.00
CA GLU C 110 27.14 4.82 3.34
C GLU C 110 28.07 5.17 4.49
N GLU C 111 28.64 6.37 4.50
CA GLU C 111 29.55 6.74 5.58
C GLU C 111 28.84 6.86 6.92
N PHE C 112 27.57 7.28 6.92
CA PHE C 112 26.79 7.30 8.15
C PHE C 112 26.54 5.88 8.66
N LEU C 113 26.24 4.95 7.75
CA LEU C 113 26.04 3.57 8.16
C LEU C 113 27.35 2.96 8.67
N LEU C 114 28.47 3.31 8.05
CA LEU C 114 29.78 2.81 8.49
C LEU C 114 30.09 3.29 9.90
N ARG C 115 29.83 4.57 10.18
CA ARG C 115 30.01 5.07 11.54
C ARG C 115 29.15 4.31 12.54
N LEU C 116 27.88 4.07 12.21
CA LEU C 116 27.02 3.34 13.14
C LEU C 116 27.52 1.91 13.38
N GLY C 117 27.86 1.20 12.29
CA GLY C 117 28.29 -0.18 12.44
C GLY C 117 29.58 -0.31 13.22
N LYS C 118 30.54 0.59 12.96
CA LYS C 118 31.78 0.55 13.73
C LYS C 118 31.51 0.88 15.19
N HIS C 119 30.59 1.81 15.46
CA HIS C 119 30.25 2.12 16.85
C HIS C 119 29.78 0.87 17.58
N PHE C 120 28.82 0.15 16.98
CA PHE C 120 28.23 -0.96 17.74
C PHE C 120 29.17 -2.15 17.84
N THR C 121 29.95 -2.43 16.79
CA THR C 121 30.85 -3.57 16.85
C THR C 121 32.04 -3.31 17.77
N GLU C 122 32.53 -2.08 17.83
CA GLU C 122 33.65 -1.78 18.71
C GLU C 122 33.22 -1.49 20.14
N GLY C 123 31.97 -1.06 20.35
CA GLY C 123 31.54 -0.65 21.66
C GLY C 123 31.02 -1.74 22.56
N PHE C 124 30.79 -2.94 22.04
CA PHE C 124 30.22 -4.01 22.83
C PHE C 124 30.95 -5.30 22.51
N ASP C 125 31.52 -5.93 23.54
CA ASP C 125 32.40 -7.08 23.32
C ASP C 125 31.67 -8.24 22.66
N TRP C 126 30.40 -8.44 23.01
CA TRP C 126 29.62 -9.55 22.49
C TRP C 126 28.96 -9.26 21.15
N VAL C 127 29.07 -8.03 20.64
CA VAL C 127 28.59 -7.73 19.29
C VAL C 127 29.75 -7.97 18.32
N THR C 128 29.56 -8.93 17.42
CA THR C 128 30.59 -9.29 16.46
C THR C 128 30.29 -8.78 15.06
N GLY C 129 29.09 -8.29 14.82
CA GLY C 129 28.79 -7.75 13.51
C GLY C 129 27.37 -7.24 13.46
N GLY C 130 26.86 -7.09 12.25
CA GLY C 130 25.47 -6.71 12.11
C GLY C 130 25.16 -6.24 10.71
N ARG C 131 23.96 -5.67 10.57
CA ARG C 131 23.42 -5.23 9.29
C ARG C 131 22.75 -3.88 9.49
N TRP C 132 23.25 -2.87 8.79
CA TRP C 132 22.71 -1.50 8.87
C TRP C 132 22.31 -1.08 7.47
N ALA C 133 21.11 -0.57 7.31
CA ALA C 133 20.59 -0.30 5.97
C ALA C 133 19.88 1.04 5.97
N ALA C 134 19.86 1.69 4.80
CA ALA C 134 19.14 2.95 4.71
C ALA C 134 18.56 3.12 3.33
N GLN C 135 17.45 3.85 3.31
CA GLN C 135 16.82 4.33 2.10
C GLN C 135 17.05 5.83 2.13
N GLN C 136 17.54 6.38 1.02
CA GLN C 136 17.74 7.81 0.87
C GLN C 136 16.69 8.36 -0.09
N PHE C 137 15.96 9.37 0.36
CA PHE C 137 14.92 10.03 -0.42
C PHE C 137 15.44 11.37 -0.92
N PHE C 138 15.25 11.64 -2.21
CA PHE C 138 15.80 12.82 -2.85
C PHE C 138 14.83 14.00 -2.86
N TRP C 139 15.38 15.19 -2.65
CA TRP C 139 14.63 16.45 -2.70
C TRP C 139 15.26 17.40 -3.71
N ASP C 140 14.42 18.08 -4.48
CA ASP C 140 14.80 19.13 -5.40
C ASP C 140 14.42 20.46 -4.77
N ARG C 141 15.13 21.53 -5.12
CA ARG C 141 14.71 22.86 -4.67
C ARG C 141 13.49 23.31 -5.45
N ILE C 142 12.64 24.10 -4.80
CA ILE C 142 11.55 24.80 -5.49
C ILE C 142 12.11 26.11 -6.04
N ASN C 143 12.23 26.19 -7.37
CA ASN C 143 12.73 27.39 -8.05
C ASN C 143 14.05 27.85 -7.43
N ASP C 144 14.91 26.87 -7.12
CA ASP C 144 16.25 27.08 -6.56
C ASP C 144 16.25 27.83 -5.23
N HIS C 145 15.16 27.81 -4.47
CA HIS C 145 15.11 28.48 -3.17
C HIS C 145 16.10 27.88 -2.17
N ASP C 146 16.54 28.73 -1.25
CA ASP C 146 17.49 28.32 -0.22
C ASP C 146 16.90 27.27 0.73
N HIS C 147 15.64 27.43 1.15
CA HIS C 147 15.09 26.52 2.15
C HIS C 147 13.70 25.97 1.79
N ALA C 148 13.33 25.88 0.52
CA ALA C 148 12.05 25.30 0.12
C ALA C 148 12.29 24.24 -0.94
N PHE C 149 11.76 23.02 -0.70
CA PHE C 149 12.05 21.84 -1.51
C PHE C 149 10.77 21.09 -1.90
N SER C 150 10.87 20.27 -2.95
CA SER C 150 9.85 19.31 -3.35
C SER C 150 10.49 17.93 -3.53
N ARG C 151 9.74 16.88 -3.20
CA ARG C 151 10.27 15.52 -3.27
C ARG C 151 10.45 15.06 -4.72
N ASN C 152 11.61 14.47 -5.02
CA ASN C 152 11.81 13.69 -6.24
C ASN C 152 11.49 12.24 -5.88
N LYS C 153 10.32 11.76 -6.31
CA LYS C 153 9.85 10.42 -5.98
C LYS C 153 10.21 9.38 -7.04
N SER C 154 10.95 9.76 -8.07
CA SER C 154 11.12 8.89 -9.23
C SER C 154 12.17 7.79 -9.01
N GLU C 155 12.91 7.84 -7.91
CA GLU C 155 13.84 6.79 -7.55
C GLU C 155 14.11 6.91 -6.05
N VAL C 156 14.45 5.78 -5.45
CA VAL C 156 14.88 5.73 -4.05
C VAL C 156 16.25 5.08 -4.02
N ARG C 157 17.21 5.72 -3.34
CA ARG C 157 18.55 5.17 -3.23
C ARG C 157 18.64 4.26 -2.00
N THR C 158 19.45 3.21 -2.09
CA THR C 158 19.56 2.28 -0.97
C THR C 158 21.02 2.01 -0.63
N ALA C 159 21.25 1.65 0.62
CA ALA C 159 22.56 1.24 1.07
C ALA C 159 22.39 0.16 2.13
N VAL C 160 23.17 -0.91 2.03
CA VAL C 160 23.20 -1.96 3.03
C VAL C 160 24.65 -2.24 3.40
N LEU C 161 24.95 -2.19 4.69
CA LEU C 161 26.28 -2.46 5.23
C LEU C 161 26.19 -3.67 6.13
N GLU C 162 27.06 -4.65 5.92
CA GLU C 162 27.15 -5.80 6.80
C GLU C 162 28.57 -5.86 7.35
N ILE C 163 28.69 -5.96 8.67
CA ILE C 163 30.00 -6.10 9.32
C ILE C 163 30.07 -7.51 9.88
N SER C 164 31.16 -8.21 9.55
CA SER C 164 31.41 -9.58 9.99
C SER C 164 32.86 -9.64 10.46
N GLY C 165 33.07 -9.57 11.76
CA GLY C 165 34.41 -9.41 12.30
C GLY C 165 35.03 -8.14 11.76
N SER C 166 36.16 -8.28 11.08
CA SER C 166 36.86 -7.13 10.53
C SER C 166 36.41 -6.80 9.12
N GLU C 167 35.55 -7.61 8.50
CA GLU C 167 35.12 -7.32 7.15
C GLU C 167 33.92 -6.38 7.17
N GLN C 168 33.95 -5.39 6.28
CA GLN C 168 32.88 -4.44 6.08
C GLN C 168 32.46 -4.57 4.62
N ALA C 169 31.18 -4.83 4.37
CA ALA C 169 30.72 -5.06 3.01
C ALA C 169 29.55 -4.12 2.76
N ILE C 170 29.63 -3.35 1.67
CA ILE C 170 28.61 -2.36 1.34
C ILE C 170 28.00 -2.72 -0.01
N VAL C 171 26.67 -2.73 -0.04
CA VAL C 171 25.88 -2.93 -1.25
C VAL C 171 25.03 -1.68 -1.44
N ALA C 172 25.29 -0.94 -2.51
CA ALA C 172 24.47 0.24 -2.78
C ALA C 172 23.43 -0.14 -3.83
N GLY C 173 22.41 0.68 -3.98
CA GLY C 173 21.39 0.30 -4.93
C GLY C 173 20.43 1.41 -5.29
N ILE C 174 19.58 1.10 -6.26
CA ILE C 174 18.50 1.98 -6.69
C ILE C 174 17.23 1.15 -6.80
N GLU C 175 16.10 1.73 -6.42
CA GLU C 175 14.83 1.03 -6.57
C GLU C 175 13.74 2.04 -6.92
N GLY C 176 12.64 1.54 -7.47
CA GLY C 176 11.51 2.38 -7.79
C GLY C 176 11.67 3.24 -9.03
N LEU C 177 12.66 2.93 -9.87
CA LEU C 177 12.92 3.69 -11.09
C LEU C 177 12.23 2.99 -12.24
N THR C 178 11.14 3.56 -12.73
CA THR C 178 10.33 2.88 -13.73
C THR C 178 10.71 3.41 -15.10
N VAL C 179 10.94 2.49 -16.04
CA VAL C 179 11.41 2.86 -17.36
C VAL C 179 10.59 2.10 -18.41
N LEU C 180 10.60 2.63 -19.62
CA LEU C 180 9.77 2.08 -20.68
C LEU C 180 10.39 2.42 -22.02
N LYS C 181 10.45 1.44 -22.91
CA LYS C 181 10.74 1.63 -24.32
C LYS C 181 9.46 1.33 -25.09
N SER C 182 9.06 2.25 -25.95
CA SER C 182 7.82 2.11 -26.71
C SER C 182 8.01 1.34 -28.01
N THR C 183 9.26 1.10 -28.40
CA THR C 183 9.61 0.20 -29.49
C THR C 183 11.09 -0.16 -29.31
N GLY C 184 11.63 -0.96 -30.21
CA GLY C 184 12.99 -1.40 -30.04
C GLY C 184 13.11 -2.56 -29.08
N SER C 185 12.08 -3.40 -29.02
CA SER C 185 12.05 -4.58 -28.17
C SER C 185 11.40 -5.73 -28.94
N GLU C 186 12.05 -6.89 -28.91
CA GLU C 186 11.57 -8.09 -29.61
C GLU C 186 11.60 -9.30 -28.68
N PHE C 187 10.71 -10.26 -28.95
CA PHE C 187 10.76 -11.54 -28.27
C PHE C 187 10.33 -12.63 -29.25
N HIS C 188 11.28 -13.42 -29.72
CA HIS C 188 11.02 -14.48 -30.68
C HIS C 188 12.10 -15.53 -30.52
N GLY C 189 11.86 -16.69 -31.13
CA GLY C 189 12.80 -17.79 -31.08
C GLY C 189 12.73 -18.64 -29.83
N PHE C 190 11.71 -18.48 -29.01
CA PHE C 190 11.56 -19.26 -27.79
C PHE C 190 10.90 -20.61 -28.08
N PRO C 191 11.17 -21.62 -27.25
CA PRO C 191 10.62 -22.96 -27.51
C PRO C 191 9.12 -22.98 -27.28
N ARG C 192 8.46 -23.91 -27.97
CA ARG C 192 7.01 -24.02 -27.89
C ARG C 192 6.62 -25.44 -27.51
N ASP C 193 5.93 -25.57 -26.36
CA ASP C 193 5.33 -26.81 -25.93
C ASP C 193 3.81 -26.71 -26.09
N LYS C 194 3.09 -27.72 -25.60
CA LYS C 194 1.64 -27.70 -25.71
C LYS C 194 1.00 -26.59 -24.90
N TYR C 195 1.72 -26.01 -23.93
CA TYR C 195 1.15 -24.93 -23.12
C TYR C 195 1.60 -23.56 -23.61
N THR C 196 2.18 -23.47 -24.81
CA THR C 196 2.71 -22.23 -25.35
C THR C 196 1.73 -21.69 -26.39
N THR C 197 1.17 -20.50 -26.12
CA THR C 197 0.33 -19.80 -27.07
C THR C 197 0.86 -18.42 -27.45
N LEU C 198 1.91 -17.94 -26.79
CA LEU C 198 2.39 -16.58 -27.03
C LEU C 198 2.90 -16.42 -28.46
N GLN C 199 2.44 -15.35 -29.10
CA GLN C 199 2.87 -15.01 -30.45
C GLN C 199 4.23 -14.32 -30.42
N GLU C 200 5.12 -14.71 -31.32
CA GLU C 200 6.38 -14.00 -31.47
C GLU C 200 6.13 -12.58 -31.96
N THR C 201 7.06 -11.69 -31.63
CA THR C 201 6.93 -10.30 -32.08
C THR C 201 8.31 -9.68 -32.28
N THR C 202 8.36 -8.72 -33.21
CA THR C 202 9.55 -7.93 -33.47
C THR C 202 9.39 -6.50 -32.97
N ASP C 203 8.20 -6.12 -32.52
CA ASP C 203 7.97 -4.78 -32.00
C ASP C 203 7.02 -4.86 -30.81
N ARG C 204 7.50 -4.47 -29.63
CA ARG C 204 6.65 -4.51 -28.45
C ARG C 204 7.18 -3.48 -27.47
N ILE C 205 6.33 -3.12 -26.52
CA ILE C 205 6.75 -2.26 -25.42
C ILE C 205 7.56 -3.08 -24.43
N LEU C 206 8.63 -2.49 -23.90
CA LEU C 206 9.39 -3.11 -22.82
C LEU C 206 9.38 -2.15 -21.63
N ALA C 207 8.76 -2.57 -20.52
CA ALA C 207 8.65 -1.68 -19.38
C ALA C 207 9.00 -2.43 -18.11
N THR C 208 9.73 -1.76 -17.21
CA THR C 208 10.18 -2.44 -16.01
C THR C 208 10.37 -1.42 -14.90
N ASP C 209 10.48 -1.95 -13.68
CA ASP C 209 10.91 -1.20 -12.50
C ASP C 209 12.35 -1.62 -12.21
N VAL C 210 13.29 -0.70 -12.35
CA VAL C 210 14.69 -1.01 -12.09
C VAL C 210 14.89 -1.17 -10.60
N SER C 211 15.15 -2.39 -10.15
CA SER C 211 15.69 -2.68 -8.84
C SER C 211 17.07 -3.27 -9.04
N ALA C 212 18.10 -2.56 -8.56
CA ALA C 212 19.48 -2.92 -8.83
C ALA C 212 20.32 -2.67 -7.59
N ARG C 213 21.21 -3.60 -7.28
CA ARG C 213 22.07 -3.52 -6.10
C ARG C 213 23.45 -4.01 -6.51
N TRP C 214 24.49 -3.24 -6.15
CA TRP C 214 25.86 -3.56 -6.54
C TRP C 214 26.75 -3.58 -5.31
N ARG C 215 27.64 -4.56 -5.25
CA ARG C 215 28.48 -4.77 -4.08
C ARG C 215 29.87 -4.17 -4.32
N TYR C 216 30.29 -3.29 -3.42
CA TYR C 216 31.62 -2.71 -3.51
C TYR C 216 32.65 -3.68 -2.92
N ASN C 217 33.85 -3.69 -3.52
CA ASN C 217 34.93 -4.53 -3.03
C ASN C 217 35.86 -3.77 -2.09
N THR C 218 35.56 -2.50 -1.84
CA THR C 218 36.32 -1.65 -0.94
C THR C 218 35.37 -0.61 -0.37
N VAL C 219 35.71 -0.07 0.81
CA VAL C 219 34.92 1.02 1.39
C VAL C 219 35.47 2.38 0.98
N GLU C 220 36.57 2.40 0.23
CA GLU C 220 37.21 3.66 -0.18
C GLU C 220 36.61 4.09 -1.51
N VAL C 221 35.38 4.59 -1.43
CA VAL C 221 34.55 4.88 -2.59
C VAL C 221 33.98 6.29 -2.46
N ASP C 222 33.93 7.02 -3.57
CA ASP C 222 33.17 8.27 -3.68
C ASP C 222 31.72 7.89 -3.95
N PHE C 223 31.00 7.61 -2.85
CA PHE C 223 29.73 6.91 -2.96
C PHE C 223 28.70 7.71 -3.77
N ASP C 224 28.67 9.05 -3.61
CA ASP C 224 27.67 9.80 -4.36
C ASP C 224 27.99 9.80 -5.85
N ALA C 225 29.28 9.92 -6.21
CA ALA C 225 29.64 9.97 -7.62
C ALA C 225 29.42 8.64 -8.29
N VAL C 226 29.69 7.54 -7.59
CA VAL C 226 29.45 6.23 -8.18
C VAL C 226 27.95 5.99 -8.31
N TYR C 227 27.16 6.40 -7.32
CA TYR C 227 25.71 6.26 -7.48
C TYR C 227 25.24 6.99 -8.73
N ALA C 228 25.71 8.21 -8.93
CA ALA C 228 25.30 8.98 -10.12
C ALA C 228 25.75 8.29 -11.40
N SER C 229 26.98 7.78 -11.42
CA SER C 229 27.49 7.09 -12.60
C SER C 229 26.67 5.85 -12.92
N VAL C 230 26.48 4.98 -11.92
CA VAL C 230 25.79 3.72 -12.13
C VAL C 230 24.37 3.96 -12.60
N ARG C 231 23.67 4.90 -11.97
CA ARG C 231 22.34 5.26 -12.42
C ARG C 231 22.34 5.63 -13.90
N GLY C 232 23.28 6.49 -14.32
CA GLY C 232 23.35 6.88 -15.72
C GLY C 232 23.67 5.71 -16.65
N LEU C 233 24.55 4.81 -16.21
CA LEU C 233 24.91 3.66 -17.03
C LEU C 233 23.73 2.73 -17.22
N LEU C 234 22.98 2.47 -16.16
CA LEU C 234 21.83 1.59 -16.25
C LEU C 234 20.78 2.18 -17.18
N LEU C 235 20.47 3.47 -17.01
CA LEU C 235 19.51 4.12 -17.91
C LEU C 235 19.96 4.08 -19.36
N LYS C 236 21.25 4.37 -19.60
CA LYS C 236 21.77 4.37 -20.97
C LYS C 236 21.65 3.00 -21.60
N ALA C 237 22.08 1.95 -20.87
CA ALA C 237 22.04 0.61 -21.44
C ALA C 237 20.60 0.14 -21.66
N PHE C 238 19.69 0.52 -20.78
CA PHE C 238 18.29 0.18 -21.01
C PHE C 238 17.78 0.82 -22.28
N ALA C 239 18.05 2.12 -22.46
CA ALA C 239 17.47 2.86 -23.58
C ALA C 239 18.10 2.45 -24.91
N GLU C 240 19.40 2.20 -24.93
CA GLU C 240 20.12 2.08 -26.19
C GLU C 240 20.35 0.65 -26.66
N THR C 241 20.04 -0.35 -25.82
CA THR C 241 20.14 -1.74 -26.25
C THR C 241 18.89 -2.11 -27.05
N HIS C 242 19.09 -2.59 -28.28
CA HIS C 242 17.99 -3.17 -29.03
C HIS C 242 17.68 -4.52 -28.43
N SER C 243 16.56 -4.63 -27.74
CA SER C 243 16.30 -5.75 -26.83
C SER C 243 15.69 -6.92 -27.58
N LEU C 244 16.38 -8.06 -27.57
CA LEU C 244 15.84 -9.33 -28.01
C LEU C 244 15.27 -10.14 -26.85
N ALA C 245 15.52 -9.71 -25.62
CA ALA C 245 15.02 -10.33 -24.40
C ALA C 245 15.34 -9.40 -23.23
N LEU C 246 14.45 -9.38 -22.23
CA LEU C 246 14.78 -8.60 -21.04
C LEU C 246 16.04 -9.13 -20.36
N GLN C 247 16.33 -10.42 -20.55
CA GLN C 247 17.58 -10.99 -20.04
C GLN C 247 18.77 -10.29 -20.67
N GLN C 248 18.69 -10.00 -21.97
CA GLN C 248 19.81 -9.39 -22.67
C GLN C 248 19.98 -7.93 -22.27
N THR C 249 18.86 -7.21 -22.19
CA THR C 249 18.88 -5.82 -21.70
C THR C 249 19.54 -5.76 -20.32
N MET C 250 19.12 -6.65 -19.43
CA MET C 250 19.66 -6.66 -18.08
C MET C 250 21.14 -6.96 -18.07
N TYR C 251 21.56 -7.93 -18.89
CA TYR C 251 22.97 -8.25 -19.01
C TYR C 251 23.76 -7.04 -19.46
N GLU C 252 23.27 -6.31 -20.46
CA GLU C 252 24.02 -5.16 -20.94
C GLU C 252 24.08 -4.05 -19.89
N MET C 253 23.03 -3.89 -19.08
CA MET C 253 23.04 -2.90 -18.01
C MET C 253 24.11 -3.23 -16.98
N GLY C 254 24.14 -4.49 -16.55
CA GLY C 254 25.15 -4.91 -15.58
C GLY C 254 26.56 -4.81 -16.15
N ARG C 255 26.73 -5.21 -17.42
CA ARG C 255 28.04 -5.17 -18.04
C ARG C 255 28.59 -3.75 -18.10
N ALA C 256 27.75 -2.78 -18.47
CA ALA C 256 28.23 -1.40 -18.49
C ALA C 256 28.70 -0.96 -17.11
N VAL C 257 28.01 -1.44 -16.06
CA VAL C 257 28.45 -1.07 -14.71
C VAL C 257 29.79 -1.73 -14.37
N ILE C 258 29.92 -3.04 -14.60
CA ILE C 258 31.13 -3.74 -14.21
C ILE C 258 32.35 -3.26 -15.01
N GLU C 259 32.16 -2.98 -16.30
CA GLU C 259 33.27 -2.53 -17.12
C GLU C 259 33.69 -1.10 -16.77
N THR C 260 32.82 -0.32 -16.12
CA THR C 260 33.21 1.05 -15.83
C THR C 260 33.78 1.25 -14.43
N HIS C 261 33.56 0.32 -13.50
CA HIS C 261 33.81 0.56 -12.08
C HIS C 261 34.66 -0.54 -11.44
N PRO C 262 35.98 -0.35 -11.33
CA PRO C 262 36.82 -1.37 -10.71
C PRO C 262 36.46 -1.67 -9.26
N GLU C 263 35.84 -0.72 -8.57
CA GLU C 263 35.47 -0.88 -7.17
C GLU C 263 34.21 -1.72 -6.96
N ILE C 264 33.53 -2.15 -8.03
CA ILE C 264 32.33 -2.96 -7.94
C ILE C 264 32.65 -4.37 -8.43
N ASP C 265 32.35 -5.38 -7.60
CA ASP C 265 32.58 -6.77 -7.96
C ASP C 265 31.43 -7.41 -8.72
N GLU C 266 30.20 -6.93 -8.50
CA GLU C 266 29.02 -7.58 -9.03
C GLU C 266 27.82 -6.69 -8.81
N ILE C 267 26.82 -6.89 -9.65
CA ILE C 267 25.55 -6.15 -9.60
C ILE C 267 24.44 -7.16 -9.87
N LYS C 268 23.41 -7.11 -9.02
CA LYS C 268 22.24 -7.96 -9.10
C LYS C 268 21.06 -7.08 -9.50
N MET C 269 20.26 -7.58 -10.42
CA MET C 269 19.06 -6.88 -10.83
C MET C 269 17.85 -7.80 -10.77
N SER C 270 16.71 -7.21 -10.39
CA SER C 270 15.43 -7.89 -10.38
C SER C 270 14.46 -6.99 -11.16
N LEU C 271 14.11 -7.40 -12.37
CA LEU C 271 13.36 -6.55 -13.29
C LEU C 271 12.01 -7.19 -13.59
N PRO C 272 10.92 -6.60 -13.14
CA PRO C 272 9.61 -7.06 -13.62
C PRO C 272 9.40 -6.66 -15.07
N ASN C 273 8.76 -7.55 -15.81
CA ASN C 273 8.27 -7.26 -17.16
C ASN C 273 6.81 -6.88 -16.97
N LYS C 274 6.58 -5.56 -16.98
CA LYS C 274 5.28 -4.92 -16.70
C LYS C 274 4.51 -4.89 -18.01
N HIS C 275 3.63 -5.85 -18.21
CA HIS C 275 3.12 -6.10 -19.55
C HIS C 275 2.19 -4.98 -20.00
N HIS C 276 2.39 -4.54 -21.24
CA HIS C 276 1.51 -3.63 -21.95
C HIS C 276 0.92 -4.41 -23.13
N PHE C 277 -0.33 -4.85 -22.99
CA PHE C 277 -0.93 -5.70 -23.99
C PHE C 277 -1.55 -4.84 -25.07
N LEU C 278 -1.26 -5.18 -26.32
CA LEU C 278 -1.84 -4.52 -27.47
C LEU C 278 -3.33 -4.83 -27.51
N VAL C 279 -4.17 -3.82 -27.35
CA VAL C 279 -5.61 -4.07 -27.30
C VAL C 279 -6.13 -4.47 -28.68
N ASP C 280 -6.97 -5.49 -28.71
CA ASP C 280 -7.65 -5.92 -29.93
C ASP C 280 -8.80 -4.95 -30.21
N LEU C 281 -8.63 -4.07 -31.19
CA LEU C 281 -9.70 -3.15 -31.55
C LEU C 281 -10.46 -3.62 -32.79
N GLN C 282 -10.09 -4.77 -33.35
CA GLN C 282 -10.77 -5.28 -34.52
C GLN C 282 -12.27 -5.54 -34.26
N PRO C 283 -12.71 -5.94 -33.05
CA PRO C 283 -14.16 -6.08 -32.84
C PRO C 283 -14.94 -4.79 -33.02
N PHE C 284 -14.29 -3.64 -32.90
CA PHE C 284 -14.94 -2.35 -33.05
C PHE C 284 -14.74 -1.74 -34.44
N GLY C 285 -14.12 -2.48 -35.38
CA GLY C 285 -13.88 -1.94 -36.70
C GLY C 285 -12.63 -1.10 -36.84
N GLN C 286 -11.64 -1.27 -35.97
CA GLN C 286 -10.46 -0.44 -35.97
C GLN C 286 -9.19 -1.30 -35.97
N ASP C 287 -8.12 -0.71 -36.48
CA ASP C 287 -6.79 -1.30 -36.38
C ASP C 287 -6.10 -0.66 -35.17
N ASN C 288 -5.02 -1.30 -34.72
CA ASN C 288 -4.23 -0.79 -33.60
C ASN C 288 -2.75 -0.91 -33.95
N PRO C 289 -2.16 0.10 -34.61
CA PRO C 289 -0.75 0.01 -35.02
C PRO C 289 0.22 0.33 -33.89
N ASN C 290 0.19 -0.51 -32.85
CA ASN C 290 1.09 -0.39 -31.71
C ASN C 290 0.86 0.93 -30.96
N GLU C 291 -0.40 1.34 -30.84
CA GLU C 291 -0.74 2.60 -30.19
C GLU C 291 -1.52 2.46 -28.88
N VAL C 292 -2.54 1.61 -28.84
CA VAL C 292 -3.44 1.51 -27.69
C VAL C 292 -3.12 0.26 -26.88
N PHE C 293 -2.76 0.44 -25.61
CA PHE C 293 -2.31 -0.66 -24.76
C PHE C 293 -3.01 -0.68 -23.42
N TYR C 294 -3.18 -1.90 -22.90
CA TYR C 294 -3.68 -2.15 -21.55
C TYR C 294 -2.50 -2.48 -20.65
N ALA C 295 -2.30 -1.70 -19.60
CA ALA C 295 -1.16 -1.89 -18.70
C ALA C 295 -1.61 -2.79 -17.55
N ALA C 296 -1.25 -4.06 -17.61
CA ALA C 296 -1.73 -5.03 -16.63
C ALA C 296 -0.94 -4.92 -15.32
N ASP C 297 -1.61 -5.25 -14.22
CA ASP C 297 -0.99 -5.24 -12.90
C ASP C 297 -0.28 -6.55 -12.61
N ARG C 298 -1.03 -7.65 -12.68
CA ARG C 298 -0.56 -9.00 -12.40
C ARG C 298 -1.27 -9.95 -13.37
N PRO C 299 -0.60 -11.03 -13.79
CA PRO C 299 0.79 -11.37 -13.43
C PRO C 299 1.80 -10.55 -14.22
N TYR C 300 3.09 -10.75 -13.94
CA TYR C 300 4.13 -10.01 -14.63
C TYR C 300 5.38 -10.87 -14.70
N GLY C 301 6.15 -10.69 -15.78
CA GLY C 301 7.42 -11.37 -15.84
C GLY C 301 8.33 -10.88 -14.73
N LEU C 302 9.18 -11.77 -14.23
CA LEU C 302 10.15 -11.36 -13.21
C LEU C 302 11.47 -11.98 -13.60
N ILE C 303 12.39 -11.15 -14.12
CA ILE C 303 13.65 -11.58 -14.71
C ILE C 303 14.78 -11.11 -13.79
N GLU C 304 15.61 -12.03 -13.31
CA GLU C 304 16.57 -11.72 -12.25
C GLU C 304 17.95 -12.26 -12.59
N ALA C 305 18.99 -11.44 -12.39
CA ALA C 305 20.33 -11.92 -12.74
C ALA C 305 21.42 -11.22 -11.94
N THR C 306 22.59 -11.87 -11.95
CA THR C 306 23.82 -11.34 -11.36
C THR C 306 24.86 -11.22 -12.45
N ILE C 307 25.45 -10.04 -12.58
CA ILE C 307 26.56 -9.80 -13.50
C ILE C 307 27.78 -9.51 -12.63
N GLN C 308 28.84 -10.31 -12.80
CA GLN C 308 30.02 -10.24 -11.94
C GLN C 308 31.30 -10.10 -12.75
N ARG C 309 32.32 -9.55 -12.12
CA ARG C 309 33.65 -9.52 -12.73
C ARG C 309 34.19 -10.95 -12.67
N CYS C 310 34.66 -11.47 -13.81
CA CYS C 310 35.21 -12.82 -13.85
C CYS C 310 36.19 -13.07 -12.73
N GLY C 311 36.00 -14.18 -12.02
CA GLY C 311 36.86 -14.59 -10.94
C GLY C 311 36.48 -14.05 -9.58
N SER C 312 35.50 -13.17 -9.49
CA SER C 312 35.11 -12.61 -8.20
C SER C 312 34.29 -13.62 -7.40
N ARG C 313 34.08 -13.30 -6.13
CA ARG C 313 33.43 -14.19 -5.19
C ARG C 313 32.04 -14.57 -5.64
N ALA C 314 31.72 -15.86 -5.52
CA ALA C 314 30.47 -16.38 -6.07
C ALA C 314 29.26 -16.01 -5.20
N ASP C 315 29.31 -16.28 -3.88
CA ASP C 315 28.16 -16.07 -3.01
C ASP C 315 28.55 -15.34 -1.73
N HIS C 316 28.71 -14.02 -1.81
CA HIS C 316 29.00 -13.25 -0.61
C HIS C 316 27.81 -13.35 0.35
N PRO C 317 28.07 -13.53 1.66
CA PRO C 317 26.95 -13.74 2.60
C PRO C 317 25.96 -12.58 2.70
N ILE C 318 26.35 -11.35 2.31
CA ILE C 318 25.43 -10.23 2.47
C ILE C 318 24.14 -10.45 1.66
N TRP C 319 24.25 -11.16 0.53
CA TRP C 319 23.08 -11.37 -0.31
C TRP C 319 22.06 -12.26 0.37
N SER C 320 22.48 -13.06 1.36
CA SER C 320 21.52 -13.94 2.01
C SER C 320 20.44 -13.16 2.73
N ASN C 321 20.74 -11.97 3.23
CA ASN C 321 19.70 -11.23 3.93
C ASN C 321 19.36 -9.89 3.28
N ILE C 322 19.73 -9.71 2.00
CA ILE C 322 19.63 -8.39 1.41
C ILE C 322 18.17 -7.99 1.23
N ALA C 323 17.27 -8.95 0.98
CA ALA C 323 15.86 -8.67 0.79
C ALA C 323 15.05 -8.92 2.04
N GLY C 324 15.68 -9.37 3.12
CA GLY C 324 14.98 -9.70 4.34
C GLY C 324 15.47 -11.00 4.96
N PHE C 325 15.09 -11.24 6.21
CA PHE C 325 15.57 -12.41 6.95
C PHE C 325 14.81 -13.66 6.55
N CYS C 326 13.48 -13.56 6.45
CA CYS C 326 12.63 -14.67 6.05
C CYS C 326 11.29 -14.13 5.56
N THR D 35 -43.12 -1.56 5.72
CA THR D 35 -42.00 -0.65 5.48
C THR D 35 -41.78 -0.45 3.97
N CYS D 36 -41.56 0.79 3.56
CA CYS D 36 -41.40 1.14 2.16
C CYS D 36 -39.95 1.56 1.93
N VAL D 37 -39.35 1.00 0.88
CA VAL D 37 -37.94 1.19 0.53
C VAL D 37 -37.84 1.79 -0.86
N VAL D 38 -36.85 2.65 -1.08
CA VAL D 38 -36.71 3.34 -2.36
C VAL D 38 -35.23 3.43 -2.74
N LEU D 39 -34.97 3.32 -4.03
CA LEU D 39 -33.63 3.54 -4.59
C LEU D 39 -33.33 5.03 -4.61
N GLY D 40 -32.23 5.42 -3.96
CA GLY D 40 -31.77 6.79 -3.99
C GLY D 40 -30.65 6.99 -5.00
N GLN D 41 -29.71 7.86 -4.63
CA GLN D 41 -28.60 8.20 -5.52
C GLN D 41 -27.83 6.94 -5.88
N ASN D 42 -27.56 6.74 -7.17
CA ASN D 42 -26.79 5.58 -7.61
C ASN D 42 -25.99 5.91 -8.86
N GLN D 43 -24.90 5.17 -9.06
CA GLN D 43 -24.08 5.31 -10.26
C GLN D 43 -23.28 4.03 -10.41
N TYR D 44 -22.93 3.68 -11.65
CA TYR D 44 -22.20 2.42 -11.80
C TYR D 44 -21.35 2.48 -13.06
N GLY D 45 -20.29 1.67 -13.09
CA GLY D 45 -19.47 1.60 -14.29
C GLY D 45 -18.21 0.80 -14.07
N LYS D 46 -17.19 1.14 -14.83
CA LYS D 46 -15.92 0.41 -14.78
C LYS D 46 -14.84 1.32 -14.24
N ALA D 47 -14.18 0.88 -13.18
CA ALA D 47 -13.17 1.68 -12.51
C ALA D 47 -11.77 1.21 -12.85
N GLU D 48 -10.84 2.16 -12.90
CA GLU D 48 -9.40 1.94 -13.03
C GLU D 48 -9.01 1.14 -14.29
N VAL D 49 -9.48 1.62 -15.45
CA VAL D 49 -9.08 1.14 -16.78
C VAL D 49 -7.72 1.75 -17.09
N ARG D 50 -6.66 0.93 -17.01
CA ARG D 50 -5.30 1.40 -17.24
C ARG D 50 -5.04 1.48 -18.74
N LEU D 51 -4.73 2.67 -19.22
CA LEU D 51 -4.60 2.96 -20.64
C LEU D 51 -3.26 3.61 -20.90
N VAL D 52 -2.50 3.06 -21.85
CA VAL D 52 -1.32 3.74 -22.37
C VAL D 52 -1.53 3.94 -23.86
N LYS D 53 -1.47 5.19 -24.29
CA LYS D 53 -1.61 5.58 -25.68
C LYS D 53 -0.26 6.07 -26.16
N VAL D 54 0.32 5.35 -27.10
CA VAL D 54 1.59 5.74 -27.72
C VAL D 54 1.29 6.52 -28.99
N THR D 55 1.91 7.67 -29.14
CA THR D 55 1.85 8.44 -30.37
C THR D 55 3.16 8.17 -31.09
N ARG D 56 3.08 7.47 -32.22
CA ARG D 56 4.28 7.09 -32.95
C ARG D 56 4.16 7.27 -34.46
N ASN D 57 3.36 8.23 -34.93
CA ASN D 57 3.31 8.45 -36.38
C ASN D 57 4.63 8.99 -36.92
N THR D 58 5.52 9.51 -36.06
CA THR D 58 6.85 9.95 -36.45
C THR D 58 7.87 9.35 -35.49
N ALA D 59 9.15 9.65 -35.72
CA ALA D 59 10.22 9.03 -34.93
C ALA D 59 10.13 9.34 -33.44
N ARG D 60 9.72 10.57 -33.08
CA ARG D 60 9.64 11.00 -31.67
C ARG D 60 8.31 10.54 -31.10
N HIS D 61 8.36 9.47 -30.31
CA HIS D 61 7.17 8.91 -29.70
C HIS D 61 6.75 9.75 -28.51
N GLU D 62 5.44 9.76 -28.25
CA GLU D 62 4.86 10.39 -27.07
C GLU D 62 4.11 9.32 -26.29
N ILE D 63 4.03 9.49 -24.97
CA ILE D 63 3.31 8.55 -24.12
C ILE D 63 2.22 9.31 -23.36
N GLN D 64 1.00 8.77 -23.38
CA GLN D 64 -0.09 9.26 -22.54
C GLN D 64 -0.53 8.08 -21.68
N ASP D 65 -0.40 8.22 -20.38
CA ASP D 65 -0.56 7.10 -19.45
C ASP D 65 -1.64 7.48 -18.45
N LEU D 66 -2.81 6.83 -18.56
CA LEU D 66 -4.01 7.18 -17.81
C LEU D 66 -4.56 6.00 -17.02
N ASN D 67 -5.26 6.32 -15.93
CA ASN D 67 -6.07 5.41 -15.13
C ASN D 67 -7.49 5.98 -15.15
N VAL D 68 -8.40 5.38 -15.92
CA VAL D 68 -9.69 5.98 -16.26
C VAL D 68 -10.83 5.26 -15.56
N THR D 69 -11.79 6.02 -15.01
CA THR D 69 -12.98 5.47 -14.37
C THR D 69 -14.21 6.07 -15.04
N SER D 70 -15.16 5.23 -15.44
CA SER D 70 -16.39 5.66 -16.10
C SER D 70 -17.59 5.17 -15.33
N GLN D 71 -18.49 6.09 -14.95
CA GLN D 71 -19.70 5.72 -14.24
C GLN D 71 -20.90 6.48 -14.81
N LEU D 72 -22.01 5.77 -14.95
CA LEU D 72 -23.22 6.31 -15.55
C LEU D 72 -24.27 6.57 -14.47
N ARG D 73 -25.11 7.57 -14.76
CA ARG D 73 -26.24 7.95 -13.94
C ARG D 73 -27.47 8.12 -14.82
N GLY D 74 -28.62 7.73 -14.26
CA GLY D 74 -29.89 7.85 -14.95
C GLY D 74 -30.96 6.95 -14.37
N ASP D 75 -31.79 6.37 -15.25
CA ASP D 75 -32.89 5.50 -14.86
C ASP D 75 -32.41 4.07 -14.78
N PHE D 76 -31.98 3.64 -13.58
CA PHE D 76 -31.56 2.26 -13.36
C PHE D 76 -32.40 1.58 -12.28
N GLU D 77 -33.65 2.03 -12.16
CA GLU D 77 -34.57 1.54 -11.13
C GLU D 77 -34.79 0.04 -11.25
N ALA D 78 -35.17 -0.42 -12.44
CA ALA D 78 -35.54 -1.83 -12.60
C ALA D 78 -34.34 -2.75 -12.48
N ALA D 79 -33.14 -2.26 -12.81
CA ALA D 79 -31.93 -3.06 -12.56
C ALA D 79 -31.79 -3.41 -11.09
N HIS D 80 -32.05 -2.45 -10.20
CA HIS D 80 -31.93 -2.70 -8.76
C HIS D 80 -33.13 -3.46 -8.21
N THR D 81 -34.35 -3.07 -8.58
CA THR D 81 -35.51 -3.65 -7.93
C THR D 81 -35.92 -5.00 -8.52
N ALA D 82 -35.61 -5.26 -9.80
CA ALA D 82 -36.05 -6.48 -10.45
C ALA D 82 -34.96 -7.29 -11.13
N GLY D 83 -33.72 -6.79 -11.20
CA GLY D 83 -32.71 -7.49 -11.96
C GLY D 83 -32.92 -7.44 -13.47
N ASP D 84 -33.69 -6.47 -13.94
CA ASP D 84 -33.89 -6.21 -15.37
C ASP D 84 -32.75 -5.34 -15.86
N ASN D 85 -31.90 -5.91 -16.74
CA ASN D 85 -30.68 -5.26 -17.20
C ASN D 85 -30.86 -4.52 -18.52
N ALA D 86 -32.11 -4.27 -18.94
CA ALA D 86 -32.35 -3.62 -20.22
C ALA D 86 -31.69 -2.24 -20.31
N HIS D 87 -31.52 -1.55 -19.19
CA HIS D 87 -30.89 -0.24 -19.20
C HIS D 87 -29.41 -0.26 -18.84
N VAL D 88 -28.86 -1.44 -18.54
CA VAL D 88 -27.52 -1.54 -17.94
C VAL D 88 -26.53 -1.66 -19.09
N VAL D 89 -26.05 -0.52 -19.57
CA VAL D 89 -24.86 -0.51 -20.41
C VAL D 89 -23.72 -1.17 -19.62
N ALA D 90 -23.19 -2.26 -20.16
CA ALA D 90 -22.26 -3.09 -19.39
C ALA D 90 -21.02 -2.30 -18.99
N THR D 91 -20.51 -2.57 -17.79
CA THR D 91 -19.23 -1.98 -17.40
C THR D 91 -18.12 -2.41 -18.36
N ASP D 92 -18.19 -3.65 -18.86
CA ASP D 92 -17.26 -4.09 -19.89
C ASP D 92 -17.36 -3.22 -21.14
N THR D 93 -18.59 -2.82 -21.51
CA THR D 93 -18.76 -1.96 -22.68
C THR D 93 -18.13 -0.58 -22.45
N GLN D 94 -18.29 -0.02 -21.25
CA GLN D 94 -17.69 1.28 -20.94
C GLN D 94 -16.17 1.20 -21.07
N LYS D 95 -15.58 0.11 -20.55
CA LYS D 95 -14.15 -0.16 -20.72
C LYS D 95 -13.75 -0.22 -22.21
N ASN D 96 -14.49 -1.01 -22.99
CA ASN D 96 -14.15 -1.13 -24.40
C ASN D 96 -14.19 0.23 -25.08
N THR D 97 -15.16 1.07 -24.68
CA THR D 97 -15.29 2.38 -25.28
C THR D 97 -14.07 3.23 -24.98
N VAL D 98 -13.54 3.09 -23.75
CA VAL D 98 -12.32 3.82 -23.42
C VAL D 98 -11.21 3.49 -24.41
N TYR D 99 -10.99 2.20 -24.66
CA TYR D 99 -9.87 1.85 -25.55
C TYR D 99 -10.13 2.23 -27.02
N ALA D 100 -11.37 2.03 -27.49
CA ALA D 100 -11.67 2.35 -28.87
C ALA D 100 -11.52 3.84 -29.13
N PHE D 101 -12.03 4.67 -28.22
CA PHE D 101 -11.88 6.11 -28.33
C PHE D 101 -10.43 6.53 -28.25
N ALA D 102 -9.65 5.89 -27.37
CA ALA D 102 -8.22 6.21 -27.30
C ALA D 102 -7.52 6.02 -28.64
N ARG D 103 -8.00 5.06 -29.45
CA ARG D 103 -7.38 4.87 -30.78
C ARG D 103 -7.32 6.16 -31.62
N ASP D 104 -8.33 7.03 -31.51
CA ASP D 104 -8.33 8.27 -32.30
C ASP D 104 -7.34 9.31 -31.79
N GLY D 105 -6.78 9.12 -30.62
CA GLY D 105 -5.96 10.14 -29.99
C GLY D 105 -6.81 11.14 -29.22
N PHE D 106 -6.14 11.90 -28.37
CA PHE D 106 -6.80 12.92 -27.58
C PHE D 106 -5.76 13.95 -27.17
N ALA D 107 -6.14 15.23 -27.23
CA ALA D 107 -5.17 16.29 -27.00
C ALA D 107 -4.83 16.41 -25.51
N THR D 108 -5.82 16.25 -24.63
CA THR D 108 -5.58 16.30 -23.20
C THR D 108 -6.46 15.24 -22.53
N THR D 109 -6.17 14.99 -21.26
CA THR D 109 -6.97 14.04 -20.48
C THR D 109 -8.42 14.53 -20.36
N GLU D 110 -8.60 15.82 -20.06
CA GLU D 110 -9.95 16.40 -19.94
C GLU D 110 -10.77 16.25 -21.23
N GLU D 111 -10.17 16.54 -22.38
CA GLU D 111 -10.91 16.40 -23.63
C GLU D 111 -11.28 14.94 -23.91
N PHE D 112 -10.45 14.00 -23.47
CA PHE D 112 -10.81 12.59 -23.59
C PHE D 112 -12.01 12.25 -22.71
N LEU D 113 -12.00 12.73 -21.47
CA LEU D 113 -13.16 12.50 -20.60
C LEU D 113 -14.41 13.16 -21.16
N LEU D 114 -14.27 14.36 -21.75
CA LEU D 114 -15.42 15.06 -22.32
C LEU D 114 -16.02 14.27 -23.46
N ARG D 115 -15.17 13.67 -24.30
CA ARG D 115 -15.65 12.84 -25.39
C ARG D 115 -16.41 11.63 -24.85
N LEU D 116 -15.88 10.99 -23.81
CA LEU D 116 -16.55 9.84 -23.21
C LEU D 116 -17.91 10.20 -22.63
N GLY D 117 -17.97 11.29 -21.85
CA GLY D 117 -19.21 11.69 -21.23
C GLY D 117 -20.27 12.09 -22.24
N LYS D 118 -19.87 12.83 -23.28
CA LYS D 118 -20.81 13.17 -24.33
C LYS D 118 -21.35 11.92 -25.01
N HIS D 119 -20.46 10.95 -25.26
CA HIS D 119 -20.89 9.73 -25.91
C HIS D 119 -21.96 9.00 -25.10
N PHE D 120 -21.71 8.81 -23.80
CA PHE D 120 -22.66 7.99 -23.05
C PHE D 120 -23.96 8.74 -22.78
N THR D 121 -23.90 10.05 -22.50
CA THR D 121 -25.14 10.77 -22.22
C THR D 121 -25.99 10.99 -23.48
N GLU D 122 -25.37 11.16 -24.64
CA GLU D 122 -26.20 11.31 -25.84
C GLU D 122 -26.62 9.99 -26.45
N GLY D 123 -25.87 8.91 -26.21
CA GLY D 123 -26.14 7.66 -26.89
C GLY D 123 -27.18 6.75 -26.27
N PHE D 124 -27.66 7.07 -25.08
CA PHE D 124 -28.64 6.23 -24.39
C PHE D 124 -29.68 7.14 -23.75
N ASP D 125 -30.96 6.93 -24.08
CA ASP D 125 -32.01 7.83 -23.63
C ASP D 125 -32.14 7.84 -22.12
N TRP D 126 -32.00 6.69 -21.47
CA TRP D 126 -32.18 6.58 -20.02
C TRP D 126 -30.94 6.98 -19.23
N VAL D 127 -29.82 7.27 -19.89
CA VAL D 127 -28.64 7.80 -19.22
C VAL D 127 -28.74 9.31 -19.22
N THR D 128 -28.83 9.90 -18.03
CA THR D 128 -28.98 11.35 -17.94
C THR D 128 -27.68 12.03 -17.54
N GLY D 129 -26.67 11.28 -17.12
CA GLY D 129 -25.43 11.92 -16.76
C GLY D 129 -24.39 10.91 -16.33
N GLY D 130 -23.42 11.40 -15.58
CA GLY D 130 -22.47 10.48 -15.00
C GLY D 130 -21.24 11.20 -14.49
N ARG D 131 -20.22 10.38 -14.20
CA ARG D 131 -18.97 10.82 -13.63
C ARG D 131 -17.85 10.04 -14.29
N TRP D 132 -16.95 10.75 -14.95
CA TRP D 132 -15.78 10.16 -15.60
C TRP D 132 -14.54 10.79 -14.98
N ALA D 133 -13.55 9.98 -14.63
CA ALA D 133 -12.41 10.49 -13.90
C ALA D 133 -11.15 9.85 -14.46
N ALA D 134 -10.03 10.53 -14.28
CA ALA D 134 -8.77 9.96 -14.72
C ALA D 134 -7.62 10.48 -13.87
N GLN D 135 -6.62 9.62 -13.75
CA GLN D 135 -5.34 9.93 -13.16
C GLN D 135 -4.35 9.87 -14.32
N GLN D 136 -3.54 10.91 -14.49
CA GLN D 136 -2.52 10.96 -15.51
C GLN D 136 -1.14 10.84 -14.87
N PHE D 137 -0.36 9.88 -15.38
CA PHE D 137 0.99 9.58 -14.91
C PHE D 137 2.02 10.10 -15.92
N PHE D 138 2.98 10.89 -15.45
CA PHE D 138 3.92 11.56 -16.33
C PHE D 138 5.18 10.75 -16.60
N TRP D 139 5.67 10.86 -17.84
CA TRP D 139 6.89 10.22 -18.30
C TRP D 139 7.85 11.27 -18.87
N ASP D 140 9.14 11.13 -18.56
CA ASP D 140 10.22 11.95 -19.08
C ASP D 140 11.04 11.10 -20.05
N ARG D 141 11.68 11.74 -21.02
CA ARG D 141 12.59 11.00 -21.90
C ARG D 141 13.87 10.64 -21.16
N ILE D 142 14.44 9.48 -21.51
CA ILE D 142 15.78 9.13 -21.05
C ILE D 142 16.79 9.77 -21.99
N ASN D 143 17.52 10.77 -21.50
CA ASN D 143 18.56 11.45 -22.27
C ASN D 143 18.04 11.89 -23.64
N ASP D 144 16.81 12.42 -23.64
CA ASP D 144 16.16 12.97 -24.84
C ASP D 144 15.96 11.94 -25.95
N HIS D 145 15.95 10.65 -25.59
CA HIS D 145 15.72 9.61 -26.59
C HIS D 145 14.31 9.66 -27.17
N ASP D 146 14.20 9.24 -28.43
CA ASP D 146 12.94 9.25 -29.16
C ASP D 146 11.90 8.31 -28.55
N HIS D 147 12.30 7.09 -28.17
CA HIS D 147 11.32 6.13 -27.67
C HIS D 147 11.70 5.45 -26.35
N ALA D 148 12.52 6.08 -25.52
CA ALA D 148 12.90 5.55 -24.22
C ALA D 148 12.54 6.53 -23.13
N PHE D 149 11.81 6.06 -22.11
CA PHE D 149 11.27 6.97 -21.10
C PHE D 149 11.47 6.43 -19.69
N SER D 150 11.36 7.34 -18.70
CA SER D 150 11.36 7.03 -17.27
C SER D 150 10.20 7.74 -16.59
N ARG D 151 9.56 7.09 -15.63
CA ARG D 151 8.40 7.68 -14.97
C ARG D 151 8.83 8.85 -14.08
N ASN D 152 8.11 9.97 -14.20
CA ASN D 152 8.16 11.02 -13.19
C ASN D 152 7.09 10.73 -12.14
N LYS D 153 7.50 10.29 -10.96
CA LYS D 153 6.58 9.86 -9.92
C LYS D 153 6.28 10.96 -8.91
N SER D 154 6.75 12.17 -9.16
CA SER D 154 6.73 13.20 -8.13
C SER D 154 5.39 13.90 -8.02
N GLU D 155 4.46 13.63 -8.93
CA GLU D 155 3.12 14.17 -8.84
C GLU D 155 2.22 13.32 -9.74
N VAL D 156 0.92 13.33 -9.44
CA VAL D 156 -0.09 12.66 -10.25
C VAL D 156 -1.15 13.70 -10.60
N ARG D 157 -1.47 13.80 -11.89
CA ARG D 157 -2.50 14.73 -12.35
C ARG D 157 -3.86 14.04 -12.31
N THR D 158 -4.92 14.80 -11.99
CA THR D 158 -6.25 14.20 -11.94
C THR D 158 -7.24 15.05 -12.71
N ALA D 159 -8.32 14.40 -13.14
CA ALA D 159 -9.45 15.11 -13.74
C ALA D 159 -10.72 14.36 -13.44
N VAL D 160 -11.78 15.10 -13.12
CA VAL D 160 -13.11 14.57 -12.87
C VAL D 160 -14.11 15.39 -13.67
N LEU D 161 -14.94 14.72 -14.46
CA LEU D 161 -15.99 15.33 -15.27
C LEU D 161 -17.33 14.79 -14.80
N GLU D 162 -18.27 15.68 -14.52
CA GLU D 162 -19.62 15.26 -14.17
C GLU D 162 -20.60 15.91 -15.13
N ILE D 163 -21.51 15.10 -15.66
CA ILE D 163 -22.58 15.59 -16.55
C ILE D 163 -23.91 15.36 -15.85
N SER D 164 -24.74 16.41 -15.82
CA SER D 164 -26.09 16.38 -15.27
C SER D 164 -27.01 17.08 -16.25
N GLY D 165 -27.82 16.32 -16.97
CA GLY D 165 -28.66 16.87 -18.02
C GLY D 165 -27.81 17.56 -19.08
N SER D 166 -28.09 18.85 -19.29
CA SER D 166 -27.34 19.65 -20.26
C SER D 166 -26.17 20.38 -19.63
N GLU D 167 -25.96 20.26 -18.32
CA GLU D 167 -24.87 20.92 -17.61
C GLU D 167 -23.69 19.97 -17.42
N GLN D 168 -22.47 20.50 -17.57
CA GLN D 168 -21.29 19.71 -17.29
C GLN D 168 -20.28 20.53 -16.50
N ALA D 169 -19.43 19.83 -15.75
CA ALA D 169 -18.42 20.48 -14.95
C ALA D 169 -17.15 19.64 -14.92
N ILE D 170 -16.00 20.30 -15.07
CA ILE D 170 -14.68 19.67 -15.00
C ILE D 170 -13.93 20.24 -13.82
N VAL D 171 -13.35 19.33 -13.02
CA VAL D 171 -12.45 19.66 -11.92
C VAL D 171 -11.11 18.99 -12.22
N ALA D 172 -10.06 19.78 -12.37
CA ALA D 172 -8.71 19.25 -12.54
C ALA D 172 -7.98 19.27 -11.21
N GLY D 173 -6.86 18.55 -11.12
CA GLY D 173 -6.20 18.52 -9.84
C GLY D 173 -4.80 17.97 -9.91
N ILE D 174 -4.09 18.11 -8.79
CA ILE D 174 -2.77 17.55 -8.60
C ILE D 174 -2.74 16.87 -7.23
N GLU D 175 -2.04 15.73 -7.15
CA GLU D 175 -1.93 15.03 -5.88
C GLU D 175 -0.57 14.38 -5.78
N GLY D 176 -0.17 14.04 -4.55
CA GLY D 176 1.08 13.35 -4.33
C GLY D 176 2.33 14.18 -4.52
N LEU D 177 2.20 15.50 -4.52
CA LEU D 177 3.34 16.40 -4.69
C LEU D 177 3.80 16.84 -3.30
N THR D 178 4.92 16.30 -2.85
CA THR D 178 5.37 16.52 -1.49
C THR D 178 6.34 17.69 -1.46
N VAL D 179 6.11 18.62 -0.54
CA VAL D 179 6.92 19.82 -0.44
C VAL D 179 7.29 20.04 1.02
N LEU D 180 8.34 20.84 1.22
CA LEU D 180 8.92 21.03 2.55
C LEU D 180 9.65 22.35 2.58
N LYS D 181 9.40 23.14 3.62
CA LYS D 181 10.23 24.29 3.98
C LYS D 181 10.98 23.93 5.27
N SER D 182 12.29 24.14 5.25
CA SER D 182 13.12 23.85 6.40
C SER D 182 13.18 24.99 7.40
N THR D 183 12.68 26.17 7.03
CA THR D 183 12.49 27.29 7.95
C THR D 183 11.50 28.23 7.28
N GLY D 184 11.20 29.35 7.94
CA GLY D 184 10.20 30.25 7.41
C GLY D 184 8.79 29.80 7.72
N SER D 185 8.61 29.11 8.85
CA SER D 185 7.30 28.67 9.31
C SER D 185 7.23 28.89 10.81
N GLU D 186 6.11 29.44 11.29
CA GLU D 186 5.91 29.71 12.71
C GLU D 186 4.51 29.24 13.10
N PHE D 187 4.35 28.90 14.38
CA PHE D 187 3.03 28.62 14.93
C PHE D 187 2.97 29.11 16.37
N HIS D 188 2.26 30.20 16.60
CA HIS D 188 2.14 30.80 17.92
C HIS D 188 0.84 31.59 17.98
N GLY D 189 0.45 31.97 19.19
CA GLY D 189 -0.78 32.72 19.40
C GLY D 189 -2.04 31.87 19.48
N PHE D 190 -1.91 30.58 19.58
CA PHE D 190 -3.08 29.72 19.67
C PHE D 190 -3.57 29.62 21.10
N PRO D 191 -4.86 29.39 21.31
CA PRO D 191 -5.40 29.39 22.68
C PRO D 191 -4.89 28.19 23.44
N ARG D 192 -4.84 28.32 24.77
CA ARG D 192 -4.27 27.26 25.60
C ARG D 192 -5.33 26.83 26.60
N ASP D 193 -5.98 25.70 26.32
CA ASP D 193 -6.94 25.11 27.24
C ASP D 193 -6.22 24.07 28.11
N LYS D 194 -6.99 23.37 28.96
CA LYS D 194 -6.37 22.41 29.88
C LYS D 194 -5.68 21.26 29.15
N TYR D 195 -5.97 21.02 27.87
CA TYR D 195 -5.37 19.94 27.12
C TYR D 195 -4.26 20.41 26.19
N THR D 196 -3.81 21.66 26.33
CA THR D 196 -2.81 22.24 25.45
C THR D 196 -1.43 22.17 26.10
N THR D 197 -0.51 21.44 25.45
CA THR D 197 0.88 21.36 25.86
C THR D 197 1.86 21.83 24.80
N LEU D 198 1.41 22.13 23.59
CA LEU D 198 2.32 22.46 22.50
C LEU D 198 3.02 23.79 22.78
N GLN D 199 4.35 23.81 22.61
CA GLN D 199 5.10 25.03 22.77
C GLN D 199 5.01 25.88 21.50
N GLU D 200 4.87 27.18 21.67
CA GLU D 200 4.96 28.11 20.56
C GLU D 200 6.36 28.08 19.95
N THR D 201 6.43 28.39 18.65
CA THR D 201 7.70 28.43 17.96
C THR D 201 7.65 29.48 16.86
N THR D 202 8.80 30.04 16.55
CA THR D 202 8.95 30.95 15.42
C THR D 202 9.76 30.35 14.29
N ASP D 203 10.32 29.16 14.49
CA ASP D 203 11.11 28.46 13.47
C ASP D 203 10.82 26.97 13.54
N ARG D 204 10.24 26.42 12.48
CA ARG D 204 9.93 24.99 12.44
C ARG D 204 9.87 24.55 11.00
N ILE D 205 9.93 23.25 10.78
CA ILE D 205 9.73 22.71 9.43
C ILE D 205 8.25 22.72 9.10
N LEU D 206 7.90 23.07 7.87
CA LEU D 206 6.54 22.89 7.38
C LEU D 206 6.59 21.99 6.17
N ALA D 207 6.00 20.80 6.26
CA ALA D 207 6.00 19.86 5.15
C ALA D 207 4.60 19.33 4.89
N THR D 208 4.25 19.18 3.61
CA THR D 208 2.90 18.73 3.28
C THR D 208 2.92 17.98 1.96
N ASP D 209 1.82 17.28 1.68
CA ASP D 209 1.53 16.67 0.39
C ASP D 209 0.45 17.54 -0.26
N VAL D 210 0.77 18.17 -1.39
CA VAL D 210 -0.19 19.06 -2.04
C VAL D 210 -1.24 18.20 -2.74
N SER D 211 -2.49 18.28 -2.24
CA SER D 211 -3.67 17.77 -2.92
C SER D 211 -4.56 18.96 -3.22
N ALA D 212 -4.77 19.24 -4.50
CA ALA D 212 -5.46 20.46 -4.94
C ALA D 212 -6.36 20.14 -6.12
N ARG D 213 -7.58 20.65 -6.10
CA ARG D 213 -8.53 20.42 -7.19
C ARG D 213 -9.25 21.73 -7.48
N TRP D 214 -9.32 22.11 -8.74
CA TRP D 214 -9.88 23.39 -9.14
C TRP D 214 -10.97 23.16 -10.18
N ARG D 215 -12.07 23.90 -10.04
CA ARG D 215 -13.23 23.73 -10.91
C ARG D 215 -13.23 24.81 -11.98
N TYR D 216 -13.31 24.39 -13.24
CA TYR D 216 -13.39 25.34 -14.35
C TYR D 216 -14.80 25.87 -14.54
N ASN D 217 -14.91 27.12 -14.99
CA ASN D 217 -16.21 27.69 -15.33
C ASN D 217 -16.49 27.59 -16.83
N THR D 218 -15.55 27.04 -17.59
CA THR D 218 -15.72 26.79 -19.01
C THR D 218 -14.79 25.66 -19.41
N VAL D 219 -15.17 24.93 -20.46
CA VAL D 219 -14.31 23.88 -21.00
C VAL D 219 -13.49 24.34 -22.20
N GLU D 220 -13.60 25.61 -22.60
CA GLU D 220 -12.89 26.10 -23.78
C GLU D 220 -11.52 26.63 -23.36
N VAL D 221 -10.66 25.71 -22.92
CA VAL D 221 -9.37 26.09 -22.35
C VAL D 221 -8.27 25.13 -22.83
N ASP D 222 -7.02 25.59 -22.67
CA ASP D 222 -5.83 24.77 -22.84
C ASP D 222 -5.51 24.09 -21.51
N PHE D 223 -6.03 22.87 -21.35
CA PHE D 223 -6.00 22.22 -20.03
C PHE D 223 -4.56 21.90 -19.60
N ASP D 224 -3.68 21.56 -20.54
CA ASP D 224 -2.29 21.28 -20.19
C ASP D 224 -1.57 22.55 -19.72
N ALA D 225 -1.79 23.66 -20.41
CA ALA D 225 -1.11 24.90 -20.03
C ALA D 225 -1.63 25.41 -18.69
N VAL D 226 -2.95 25.27 -18.45
CA VAL D 226 -3.47 25.69 -17.15
C VAL D 226 -2.94 24.78 -16.04
N TYR D 227 -2.82 23.47 -16.31
CA TYR D 227 -2.27 22.59 -15.29
C TYR D 227 -0.85 22.99 -14.91
N ALA D 228 0.01 23.23 -15.90
CA ALA D 228 1.38 23.61 -15.58
C ALA D 228 1.43 24.95 -14.85
N SER D 229 0.59 25.90 -15.26
CA SER D 229 0.52 27.19 -14.59
C SER D 229 0.14 27.04 -13.12
N VAL D 230 -0.94 26.31 -12.86
CA VAL D 230 -1.45 26.13 -11.50
C VAL D 230 -0.40 25.43 -10.64
N ARG D 231 0.20 24.37 -11.15
CA ARG D 231 1.26 23.69 -10.40
C ARG D 231 2.37 24.66 -10.00
N GLY D 232 2.82 25.48 -10.95
CA GLY D 232 3.87 26.45 -10.63
C GLY D 232 3.45 27.47 -9.60
N LEU D 233 2.21 27.95 -9.71
CA LEU D 233 1.72 28.94 -8.78
C LEU D 233 1.61 28.37 -7.37
N LEU D 234 1.14 27.14 -7.26
CA LEU D 234 1.00 26.50 -5.95
C LEU D 234 2.37 26.33 -5.30
N LEU D 235 3.36 25.82 -6.06
CA LEU D 235 4.71 25.67 -5.53
C LEU D 235 5.30 27.02 -5.11
N LYS D 236 5.14 28.04 -5.95
CA LYS D 236 5.72 29.34 -5.64
C LYS D 236 5.10 29.93 -4.37
N ALA D 237 3.77 29.85 -4.26
CA ALA D 237 3.11 30.42 -3.10
C ALA D 237 3.47 29.65 -1.84
N PHE D 238 3.61 28.33 -1.95
CA PHE D 238 4.07 27.56 -0.79
C PHE D 238 5.45 28.01 -0.35
N ALA D 239 6.37 28.15 -1.32
CA ALA D 239 7.76 28.45 -1.00
C ALA D 239 7.95 29.86 -0.45
N GLU D 240 7.21 30.84 -0.99
CA GLU D 240 7.53 32.23 -0.72
C GLU D 240 6.67 32.84 0.38
N THR D 241 5.63 32.17 0.83
CA THR D 241 4.82 32.68 1.93
C THR D 241 5.55 32.42 3.23
N HIS D 242 5.81 33.48 4.00
CA HIS D 242 6.29 33.31 5.37
C HIS D 242 5.10 32.83 6.20
N SER D 243 5.13 31.58 6.61
CA SER D 243 3.93 30.90 7.10
C SER D 243 3.75 31.12 8.59
N LEU D 244 2.65 31.77 8.97
CA LEU D 244 2.25 31.82 10.37
C LEU D 244 1.28 30.71 10.74
N ALA D 245 0.80 29.97 9.74
CA ALA D 245 -0.15 28.88 9.89
C ALA D 245 -0.25 28.18 8.54
N LEU D 246 -0.44 26.86 8.57
CA LEU D 246 -0.69 26.17 7.31
C LEU D 246 -1.99 26.65 6.65
N GLN D 247 -2.97 27.08 7.46
CA GLN D 247 -4.15 27.74 6.90
C GLN D 247 -3.78 28.92 6.02
N GLN D 248 -2.84 29.76 6.49
CA GLN D 248 -2.45 30.96 5.73
C GLN D 248 -1.73 30.60 4.45
N THR D 249 -0.77 29.66 4.54
CA THR D 249 -0.08 29.19 3.34
C THR D 249 -1.07 28.67 2.30
N MET D 250 -2.02 27.84 2.74
CA MET D 250 -3.01 27.30 1.82
C MET D 250 -3.85 28.40 1.19
N TYR D 251 -4.26 29.38 2.00
CA TYR D 251 -5.02 30.51 1.47
C TYR D 251 -4.23 31.26 0.41
N GLU D 252 -2.95 31.50 0.64
CA GLU D 252 -2.15 32.23 -0.34
C GLU D 252 -1.96 31.41 -1.62
N MET D 253 -1.85 30.08 -1.50
CA MET D 253 -1.73 29.23 -2.68
C MET D 253 -2.99 29.32 -3.54
N GLY D 254 -4.15 29.23 -2.89
CA GLY D 254 -5.41 29.34 -3.62
C GLY D 254 -5.62 30.71 -4.23
N ARG D 255 -5.29 31.77 -3.48
CA ARG D 255 -5.41 33.12 -4.00
C ARG D 255 -4.53 33.31 -5.23
N ALA D 256 -3.30 32.78 -5.18
CA ALA D 256 -2.40 32.89 -6.32
C ALA D 256 -3.02 32.26 -7.56
N VAL D 257 -3.73 31.14 -7.37
CA VAL D 257 -4.38 30.50 -8.53
C VAL D 257 -5.57 31.34 -9.03
N ILE D 258 -6.45 31.76 -8.13
CA ILE D 258 -7.65 32.47 -8.56
C ILE D 258 -7.30 33.78 -9.26
N GLU D 259 -6.27 34.49 -8.79
CA GLU D 259 -5.93 35.80 -9.34
C GLU D 259 -5.37 35.74 -10.76
N THR D 260 -4.85 34.60 -11.21
CA THR D 260 -4.29 34.49 -12.55
C THR D 260 -5.10 33.63 -13.51
N HIS D 261 -6.22 33.06 -13.08
CA HIS D 261 -6.98 32.14 -13.94
C HIS D 261 -8.46 32.49 -13.90
N PRO D 262 -8.92 33.36 -14.81
CA PRO D 262 -10.34 33.70 -14.87
C PRO D 262 -11.23 32.52 -15.17
N GLU D 263 -10.70 31.47 -15.81
CA GLU D 263 -11.47 30.27 -16.14
C GLU D 263 -11.67 29.34 -14.95
N ILE D 264 -11.10 29.64 -13.78
CA ILE D 264 -11.28 28.85 -12.58
C ILE D 264 -12.13 29.64 -11.59
N ASP D 265 -13.21 29.02 -11.09
CA ASP D 265 -14.05 29.66 -10.07
C ASP D 265 -13.58 29.43 -8.64
N GLU D 266 -12.97 28.27 -8.38
CA GLU D 266 -12.64 27.88 -7.02
C GLU D 266 -11.61 26.76 -7.06
N ILE D 267 -10.87 26.66 -5.95
CA ILE D 267 -9.86 25.63 -5.76
C ILE D 267 -9.96 25.11 -4.32
N LYS D 268 -10.03 23.80 -4.17
CA LYS D 268 -10.04 23.12 -2.89
C LYS D 268 -8.69 22.47 -2.64
N MET D 269 -8.21 22.57 -1.41
CA MET D 269 -6.97 21.92 -1.03
C MET D 269 -7.13 21.16 0.26
N SER D 270 -6.40 20.06 0.34
CA SER D 270 -6.30 19.22 1.53
C SER D 270 -4.82 19.00 1.80
N LEU D 271 -4.31 19.64 2.85
CA LEU D 271 -2.88 19.64 3.11
C LEU D 271 -2.62 18.97 4.45
N PRO D 272 -1.95 17.81 4.46
CA PRO D 272 -1.47 17.27 5.74
C PRO D 272 -0.28 18.08 6.27
N ASN D 273 -0.24 18.22 7.58
CA ASN D 273 0.93 18.76 8.26
C ASN D 273 1.70 17.54 8.72
N LYS D 274 2.74 17.21 7.94
CA LYS D 274 3.56 16.01 8.10
C LYS D 274 4.65 16.36 9.11
N HIS D 275 4.47 15.95 10.35
CA HIS D 275 5.26 16.53 11.43
C HIS D 275 6.70 16.04 11.38
N HIS D 276 7.63 17.00 11.51
CA HIS D 276 9.05 16.75 11.69
C HIS D 276 9.41 17.26 13.08
N PHE D 277 9.57 16.34 14.03
CA PHE D 277 9.80 16.70 15.42
C PHE D 277 11.28 16.92 15.68
N LEU D 278 11.59 18.05 16.32
CA LEU D 278 12.95 18.36 16.74
C LEU D 278 13.35 17.38 17.84
N VAL D 279 14.37 16.56 17.58
CA VAL D 279 14.76 15.52 18.53
C VAL D 279 15.47 16.14 19.73
N ASP D 280 15.14 15.64 20.93
CA ASP D 280 15.81 16.04 22.17
C ASP D 280 17.13 15.28 22.25
N LEU D 281 18.23 15.99 22.02
CA LEU D 281 19.56 15.39 22.15
C LEU D 281 20.25 15.77 23.46
N GLN D 282 19.59 16.56 24.30
CA GLN D 282 20.15 16.94 25.59
C GLN D 282 20.54 15.75 26.46
N PRO D 283 19.82 14.62 26.48
CA PRO D 283 20.29 13.48 27.29
C PRO D 283 21.63 12.95 26.84
N PHE D 284 22.02 13.20 25.59
CA PHE D 284 23.28 12.75 25.04
C PHE D 284 24.39 13.80 25.14
N GLY D 285 24.13 14.91 25.84
CA GLY D 285 25.10 15.98 25.96
C GLY D 285 25.24 16.82 24.71
N GLN D 286 24.20 16.86 23.87
CA GLN D 286 24.23 17.61 22.63
C GLN D 286 23.05 18.55 22.52
N ASP D 287 23.23 19.64 21.77
CA ASP D 287 22.17 20.57 21.45
C ASP D 287 21.65 20.23 20.06
N ASN D 288 20.46 20.73 19.72
CA ASN D 288 19.90 20.49 18.40
C ASN D 288 19.42 21.80 17.80
N PRO D 289 20.29 22.53 17.10
CA PRO D 289 19.88 23.83 16.55
C PRO D 289 19.11 23.69 15.24
N ASN D 290 17.95 23.02 15.32
CA ASN D 290 17.03 22.87 14.20
C ASN D 290 17.65 22.06 13.06
N GLU D 291 18.40 21.01 13.43
CA GLU D 291 19.10 20.19 12.44
C GLU D 291 18.59 18.76 12.37
N VAL D 292 18.38 18.10 13.50
CA VAL D 292 18.00 16.68 13.53
C VAL D 292 16.51 16.56 13.82
N PHE D 293 15.79 15.91 12.92
CA PHE D 293 14.34 15.77 13.00
C PHE D 293 13.90 14.33 12.80
N TYR D 294 12.83 13.98 13.51
CA TYR D 294 12.16 12.70 13.38
C TYR D 294 10.91 12.95 12.54
N ALA D 295 10.82 12.31 11.38
CA ALA D 295 9.67 12.48 10.50
C ALA D 295 8.62 11.42 10.84
N ALA D 296 7.58 11.84 11.55
CA ALA D 296 6.56 10.92 12.05
C ALA D 296 5.58 10.54 10.93
N ASP D 297 5.01 9.34 11.03
CA ASP D 297 4.03 8.89 10.04
C ASP D 297 2.64 9.38 10.41
N ARG D 298 2.17 9.02 11.60
CA ARG D 298 0.84 9.34 12.09
C ARG D 298 0.96 9.66 13.58
N PRO D 299 0.10 10.54 14.11
CA PRO D 299 -0.94 11.33 13.45
C PRO D 299 -0.33 12.50 12.70
N TYR D 300 -1.16 13.25 11.99
CA TYR D 300 -0.73 14.42 11.24
C TYR D 300 -1.85 15.44 11.24
N GLY D 301 -1.48 16.72 11.14
CA GLY D 301 -2.49 17.73 10.92
C GLY D 301 -3.14 17.54 9.56
N LEU D 302 -4.40 17.93 9.45
CA LEU D 302 -5.08 17.84 8.16
C LEU D 302 -5.89 19.12 8.00
N ILE D 303 -5.39 20.02 7.16
CA ILE D 303 -5.89 21.38 7.02
C ILE D 303 -6.55 21.49 5.64
N GLU D 304 -7.85 21.74 5.61
CA GLU D 304 -8.58 21.71 4.35
C GLU D 304 -9.38 22.97 4.13
N ALA D 305 -9.30 23.51 2.91
CA ALA D 305 -10.07 24.72 2.66
C ALA D 305 -10.41 24.88 1.18
N THR D 306 -11.37 25.78 0.95
CA THR D 306 -11.83 26.17 -0.38
C THR D 306 -11.55 27.65 -0.54
N ILE D 307 -10.92 28.02 -1.65
CA ILE D 307 -10.67 29.40 -2.02
C ILE D 307 -11.52 29.69 -3.26
N GLN D 308 -12.45 30.65 -3.15
CA GLN D 308 -13.37 30.92 -4.24
C GLN D 308 -13.29 32.35 -4.74
N ARG D 309 -13.64 32.52 -6.01
CA ARG D 309 -13.77 33.84 -6.59
C ARG D 309 -15.06 34.46 -6.07
N CYS D 310 -14.96 35.68 -5.52
CA CYS D 310 -16.13 36.39 -4.99
C CYS D 310 -17.30 36.37 -5.97
N GLY D 311 -18.49 36.04 -5.46
CA GLY D 311 -19.69 35.98 -6.26
C GLY D 311 -19.91 34.68 -7.00
N SER D 312 -18.94 33.77 -6.99
CA SER D 312 -19.08 32.51 -7.70
C SER D 312 -19.93 31.55 -6.88
N ARG D 313 -20.35 30.48 -7.54
CA ARG D 313 -21.25 29.48 -6.96
C ARG D 313 -20.70 28.96 -5.64
N ALA D 314 -21.52 29.03 -4.60
CA ALA D 314 -21.06 28.64 -3.26
C ALA D 314 -20.79 27.15 -3.16
N ASP D 315 -21.69 26.31 -3.66
CA ASP D 315 -21.50 24.87 -3.56
C ASP D 315 -21.91 24.22 -4.88
N HIS D 316 -20.96 23.60 -5.54
CA HIS D 316 -21.20 22.93 -6.81
C HIS D 316 -21.38 21.44 -6.56
N PRO D 317 -22.44 20.79 -7.09
CA PRO D 317 -22.67 19.36 -6.79
C PRO D 317 -21.50 18.42 -7.07
N ILE D 318 -20.58 18.79 -7.96
CA ILE D 318 -19.49 17.88 -8.32
C ILE D 318 -18.65 17.52 -7.10
N TRP D 319 -18.58 18.41 -6.11
CA TRP D 319 -17.74 18.18 -4.95
C TRP D 319 -18.31 17.12 -4.02
N SER D 320 -19.60 16.82 -4.11
CA SER D 320 -20.19 15.87 -3.16
C SER D 320 -19.64 14.46 -3.35
N ASN D 321 -19.21 14.12 -4.55
CA ASN D 321 -18.69 12.78 -4.84
C ASN D 321 -17.24 12.82 -5.31
N ILE D 322 -16.57 13.96 -5.17
CA ILE D 322 -15.24 14.13 -5.77
C ILE D 322 -14.24 13.15 -5.19
N ALA D 323 -14.41 12.78 -3.92
CA ALA D 323 -13.48 11.87 -3.26
C ALA D 323 -13.98 10.43 -3.22
N GLY D 324 -15.15 10.17 -3.80
CA GLY D 324 -15.78 8.87 -3.74
C GLY D 324 -17.26 8.96 -3.40
N PHE D 325 -17.94 7.84 -3.57
CA PHE D 325 -19.38 7.76 -3.34
C PHE D 325 -19.69 7.58 -1.85
N CYS D 326 -18.97 6.69 -1.19
CA CYS D 326 -19.11 6.49 0.25
C CYS D 326 -17.86 5.77 0.72
#